data_9UBQ
#
_entry.id   9UBQ
#
_cell.length_a   1.00
_cell.length_b   1.00
_cell.length_c   1.00
_cell.angle_alpha   90.00
_cell.angle_beta   90.00
_cell.angle_gamma   90.00
#
_symmetry.space_group_name_H-M   'P 1'
#
loop_
_entity.id
_entity.type
_entity.pdbx_description
1 polymer 'Middle S protein'
2 polymer 'H020 Fab Heavy Chain'
3 polymer 'H020 Fab Light Chain'
#
loop_
_entity_poly.entity_id
_entity_poly.type
_entity_poly.pdbx_seq_one_letter_code
_entity_poly.pdbx_strand_id
1 'polypeptide(L)'
;MQWNSTTFHQTLQDPRVRGLYFPAGGSSSGAVNPVPTTASPLSSIFSRIGDPALNMENITSGFLGPLLVLQAGFFLLTRI
LTIPQSLDSWWTSLNFLGGTTVCLGQNSQSPTSNHSPTSCPPTCPGYRWMALRRFIIFLFILLLALIFLLVLLDYQGMLP
VCPLIPGSSTTSTGPCRTCMTTAQGTSMYPSCCCTKPSDGNCTCIPIPSSWAFGKFLWEWASARFSWLSLLVPFVQWFVG
LSPTVWLSVIWMMWYWGPSLYSILSPFLPLLPIFFALWVYI
;
A,B
2 'polypeptide(L)'
;QVQLQESGPGLVRPSETLSLTCTVSGGSISNDYWSWIRQPPGKGLEWIGQIHSKGDTNYNPSLKSRVTISVDTSKNQLSL
KVRSVTAADTAVYYCARHLYRYGYRNYFDYWGQGNLVTVSSAASTKGPSVFPLAPSSKSTSGGTAALGCLVKDYFPEPVT
VSWNSGALTSGVHTFPAVLQSSGLYSLSSVVTVPSSSLGTQTYICNVNHKPSNTKVDKRV
;
C,E
3 'polypeptide(L)'
;DIQMTQSPSSVSASVGDRVTIACRASQGISSGLAWYQQKPGKAPKLLIHAASSLQSGVPSRFSGSESGTEFTLTISSLQP
EDFATYYCQQANSFPLTFGGGTKVEFKPRTVAAPSVFIFPPSDEQLKSGTASVVCLLNNFYPREAKVQWKVDNALQSGNS
QESVTEQDSKDSTYSLSSTLTLSKADYEKHKVYACEVTHQGLSSPVTKSFNRGEC
;
D,F
#
# COMPACT_ATOMS: atom_id res chain seq x y z
N ILE A 83 -51.51 -0.22 -5.99
CA ILE A 83 -50.73 0.87 -6.55
C ILE A 83 -50.89 1.00 -8.09
N PRO A 84 -50.77 -0.10 -8.84
CA PRO A 84 -51.00 0.03 -10.30
C PRO A 84 -52.39 0.53 -10.65
N GLN A 85 -53.41 0.16 -9.87
CA GLN A 85 -54.75 0.64 -10.13
C GLN A 85 -54.84 2.14 -9.98
N SER A 86 -54.19 2.70 -8.95
CA SER A 86 -54.20 4.14 -8.76
C SER A 86 -53.51 4.86 -9.91
N LEU A 87 -52.38 4.33 -10.37
CA LEU A 87 -51.68 4.93 -11.51
C LEU A 87 -52.52 4.87 -12.77
N ASP A 88 -53.18 3.74 -13.01
CA ASP A 88 -54.04 3.62 -14.18
C ASP A 88 -55.21 4.60 -14.11
N SER A 89 -55.81 4.74 -12.93
CA SER A 89 -56.92 5.69 -12.76
C SER A 89 -56.45 7.12 -13.00
N TRP A 90 -55.28 7.47 -12.47
CA TRP A 90 -54.74 8.82 -12.67
C TRP A 90 -54.47 9.08 -14.15
N TRP A 91 -53.89 8.10 -14.85
CA TRP A 91 -53.60 8.28 -16.27
C TRP A 91 -54.89 8.41 -17.08
N THR A 92 -55.90 7.61 -16.75
CA THR A 92 -57.18 7.71 -17.46
C THR A 92 -57.84 9.05 -17.20
N SER A 93 -57.76 9.55 -15.97
CA SER A 93 -58.31 10.86 -15.63
C SER A 93 -57.59 11.95 -16.42
N LEU A 94 -56.27 11.83 -16.52
CA LEU A 94 -55.50 12.81 -17.31
C LEU A 94 -55.90 12.75 -18.78
N ASN A 95 -56.07 11.55 -19.33
CA ASN A 95 -56.45 11.41 -20.73
C ASN A 95 -57.86 11.96 -20.96
N PHE A 96 -58.78 11.68 -20.06
CA PHE A 96 -60.16 12.15 -20.20
C PHE A 96 -60.26 13.65 -19.91
N TYR A 127 -61.46 -9.50 -20.74
CA TYR A 127 -60.70 -8.28 -20.58
C TYR A 127 -59.26 -8.56 -20.15
N ARG A 128 -58.33 -8.49 -21.11
CA ARG A 128 -56.92 -8.72 -20.83
C ARG A 128 -56.06 -7.49 -21.02
N TRP A 129 -56.56 -6.45 -21.69
CA TRP A 129 -55.77 -5.23 -21.86
C TRP A 129 -55.52 -4.54 -20.51
N MET A 130 -56.52 -4.55 -19.63
CA MET A 130 -56.35 -3.96 -18.31
C MET A 130 -55.28 -4.69 -17.51
N ALA A 131 -55.25 -6.03 -17.61
CA ALA A 131 -54.23 -6.79 -16.92
C ALA A 131 -52.83 -6.45 -17.44
N LEU A 132 -52.69 -6.32 -18.76
CA LEU A 132 -51.39 -5.98 -19.33
C LEU A 132 -50.96 -4.57 -18.90
N ARG A 133 -51.90 -3.62 -18.89
CA ARG A 133 -51.58 -2.28 -18.44
C ARG A 133 -51.16 -2.27 -16.98
N ARG A 134 -51.86 -3.04 -16.14
CA ARG A 134 -51.50 -3.13 -14.73
C ARG A 134 -50.12 -3.75 -14.56
N PHE A 135 -49.80 -4.78 -15.35
CA PHE A 135 -48.49 -5.39 -15.27
C PHE A 135 -47.39 -4.42 -15.68
N ILE A 136 -47.63 -3.64 -16.74
CA ILE A 136 -46.65 -2.65 -17.18
C ILE A 136 -46.46 -1.58 -16.10
N ILE A 137 -47.55 -1.12 -15.49
CA ILE A 137 -47.46 -0.13 -14.43
C ILE A 137 -46.70 -0.69 -13.24
N PHE A 138 -46.94 -1.95 -12.89
CA PHE A 138 -46.24 -2.58 -11.79
C PHE A 138 -44.75 -2.70 -12.09
N LEU A 139 -44.40 -3.06 -13.33
CA LEU A 139 -42.99 -3.13 -13.71
C LEU A 139 -42.33 -1.77 -13.61
N PHE A 140 -43.01 -0.72 -14.09
CA PHE A 140 -42.46 0.63 -13.98
C PHE A 140 -42.28 1.04 -12.53
N ILE A 141 -43.25 0.71 -11.67
CA ILE A 141 -43.15 1.03 -10.26
C ILE A 141 -41.99 0.29 -9.61
N LEU A 142 -41.80 -0.98 -9.98
CA LEU A 142 -40.67 -1.74 -9.44
C LEU A 142 -39.34 -1.16 -9.89
N LEU A 143 -39.26 -0.73 -11.15
CA LEU A 143 -38.03 -0.08 -11.62
C LEU A 143 -37.76 1.22 -10.89
N LEU A 144 -38.81 2.02 -10.67
CA LEU A 144 -38.63 3.27 -9.93
C LEU A 144 -38.22 3.00 -8.49
N ALA A 145 -38.78 1.95 -7.88
CA ALA A 145 -38.39 1.56 -6.53
C ALA A 145 -36.93 1.11 -6.50
N LEU A 146 -36.48 0.40 -7.54
CA LEU A 146 -35.08 0.02 -7.61
C LEU A 146 -34.19 1.25 -7.71
N ILE A 147 -34.60 2.24 -8.50
CA ILE A 147 -33.84 3.48 -8.59
C ILE A 147 -33.77 4.18 -7.23
N PHE A 148 -34.92 4.24 -6.54
CA PHE A 148 -34.95 4.89 -5.23
C PHE A 148 -34.07 4.14 -4.24
N LEU A 149 -34.07 2.82 -4.31
CA LEU A 149 -33.21 2.02 -3.43
C LEU A 149 -31.74 2.28 -3.71
N LEU A 150 -31.36 2.36 -4.99
CA LEU A 150 -29.98 2.65 -5.33
C LEU A 150 -29.58 4.04 -4.86
N VAL A 151 -30.46 5.02 -5.03
CA VAL A 151 -30.17 6.38 -4.57
C VAL A 151 -30.03 6.41 -3.05
N LEU A 152 -30.91 5.70 -2.34
CA LEU A 152 -30.85 5.66 -0.89
C LEU A 152 -29.56 5.02 -0.40
N LEU A 153 -29.18 3.87 -1.00
CA LEU A 153 -27.91 3.25 -0.66
C LEU A 153 -26.72 4.12 -1.03
N ASP A 154 -26.85 4.94 -2.07
CA ASP A 154 -25.80 5.88 -2.42
C ASP A 154 -25.68 6.96 -1.34
N TYR A 155 -26.83 7.41 -0.81
CA TYR A 155 -26.83 8.42 0.25
C TYR A 155 -26.18 7.89 1.53
N GLN A 156 -26.48 6.65 1.91
CA GLN A 156 -25.92 6.09 3.14
C GLN A 156 -24.46 5.69 2.99
N GLY A 157 -23.91 5.75 1.78
CA GLY A 157 -22.52 5.39 1.58
C GLY A 157 -22.27 3.91 1.42
N MET A 158 -23.33 3.12 1.21
CA MET A 158 -23.18 1.69 1.04
C MET A 158 -22.77 1.30 -0.38
N LEU A 159 -22.62 2.27 -1.28
CA LEU A 159 -22.10 2.02 -2.61
C LEU A 159 -20.68 2.57 -2.69
N PRO A 160 -19.65 1.72 -2.68
CA PRO A 160 -18.26 2.22 -2.65
C PRO A 160 -17.69 2.43 -4.05
N VAL A 161 -18.21 3.42 -4.75
CA VAL A 161 -17.73 3.75 -6.08
C VAL A 161 -16.44 4.55 -5.93
N CYS A 162 -15.43 4.17 -6.70
CA CYS A 162 -14.10 4.73 -6.53
C CYS A 162 -14.05 6.17 -7.05
N PRO A 163 -13.55 7.11 -6.25
CA PRO A 163 -13.23 8.43 -6.82
C PRO A 163 -12.03 8.33 -7.73
N LEU A 164 -12.01 9.19 -8.75
CA LEU A 164 -10.94 9.18 -9.72
C LEU A 164 -9.65 9.70 -9.08
N ILE A 165 -8.52 9.22 -9.60
CA ILE A 165 -7.22 9.64 -9.11
C ILE A 165 -6.99 11.09 -9.53
N PRO A 166 -6.74 12.01 -8.61
CA PRO A 166 -6.54 13.41 -8.98
C PRO A 166 -5.29 13.58 -9.83
N GLY A 167 -5.34 14.57 -10.72
CA GLY A 167 -4.21 14.86 -11.58
C GLY A 167 -3.06 15.54 -10.89
N SER A 168 -3.32 16.19 -9.75
CA SER A 168 -2.30 16.89 -8.99
C SER A 168 -2.36 16.42 -7.54
N SER A 169 -1.30 16.73 -6.79
CA SER A 169 -1.24 16.36 -5.39
C SER A 169 -2.40 17.01 -4.62
N THR A 170 -3.09 16.20 -3.84
CA THR A 170 -4.28 16.66 -3.11
C THR A 170 -4.20 16.11 -1.69
N THR A 171 -4.87 16.80 -0.77
CA THR A 171 -4.92 16.34 0.61
C THR A 171 -5.53 14.94 0.70
N SER A 172 -6.42 14.59 -0.23
CA SER A 172 -7.07 13.29 -0.19
C SER A 172 -6.07 12.16 -0.42
N THR A 173 -5.19 12.31 -1.40
CA THR A 173 -4.27 11.24 -1.77
C THR A 173 -3.22 11.02 -0.70
N GLY A 174 -2.74 9.78 -0.62
CA GLY A 174 -1.71 9.41 0.32
C GLY A 174 -1.34 7.95 0.16
N PRO A 175 -0.42 7.46 0.98
CA PRO A 175 -0.07 6.03 0.91
C PRO A 175 -1.20 5.14 1.39
N CYS A 176 -1.04 3.82 1.31
CA CYS A 176 -2.07 2.95 1.84
C CYS A 176 -2.19 3.06 3.34
N ARG A 177 -1.14 3.55 4.01
CA ARG A 177 -1.22 3.74 5.45
C ARG A 177 -2.24 4.82 5.81
N THR A 178 -2.58 5.71 4.87
CA THR A 178 -3.65 6.66 5.10
C THR A 178 -5.00 5.97 5.23
N CYS A 179 -5.07 4.69 4.88
CA CYS A 179 -6.30 3.91 4.90
C CYS A 179 -6.55 3.24 6.24
N MET A 180 -6.04 3.82 7.33
CA MET A 180 -6.16 3.20 8.65
C MET A 180 -7.62 2.91 8.98
N THR A 181 -7.88 1.69 9.40
CA THR A 181 -9.18 1.30 9.95
C THR A 181 -8.94 0.57 11.26
N THR A 182 -9.98 0.55 12.10
CA THR A 182 -9.84 0.03 13.45
C THR A 182 -9.50 -1.45 13.44
N ALA A 183 -8.69 -1.86 14.42
CA ALA A 183 -8.35 -3.27 14.59
C ALA A 183 -9.59 -4.09 14.90
N GLN A 184 -10.45 -3.58 15.79
CA GLN A 184 -11.70 -4.26 16.10
C GLN A 184 -12.65 -4.23 14.91
N GLY A 185 -12.56 -3.20 14.07
CA GLY A 185 -13.43 -3.07 12.93
C GLY A 185 -13.40 -4.24 11.97
N THR A 186 -14.59 -4.76 11.63
CA THR A 186 -14.73 -5.90 10.73
C THR A 186 -15.52 -5.51 9.49
N SER A 187 -15.38 -4.27 9.05
CA SER A 187 -16.16 -3.77 7.91
C SER A 187 -15.72 -4.48 6.62
N MET A 188 -16.72 -4.87 5.83
CA MET A 188 -16.50 -5.53 4.55
C MET A 188 -16.16 -4.55 3.43
N TYR A 189 -16.36 -3.26 3.65
CA TYR A 189 -16.17 -2.28 2.59
C TYR A 189 -14.73 -1.79 2.57
N PRO A 190 -14.09 -1.74 1.39
CA PRO A 190 -12.75 -1.15 1.31
C PRO A 190 -12.78 0.31 1.72
N SER A 191 -11.73 0.72 2.44
CA SER A 191 -11.65 2.10 2.92
C SER A 191 -11.22 3.07 1.82
N CYS A 192 -10.32 2.66 0.93
CA CYS A 192 -9.78 3.55 -0.08
C CYS A 192 -9.88 2.90 -1.45
N CYS A 193 -9.53 3.68 -2.47
CA CYS A 193 -9.27 3.20 -3.81
C CYS A 193 -7.83 3.58 -4.15
N CYS A 194 -7.04 2.60 -4.57
CA CYS A 194 -5.61 2.80 -4.71
C CYS A 194 -5.14 2.39 -6.10
N THR A 195 -4.09 3.05 -6.55
CA THR A 195 -3.35 2.64 -7.74
C THR A 195 -1.87 2.62 -7.41
N LYS A 196 -1.18 1.58 -7.87
CA LYS A 196 0.26 1.47 -7.68
C LYS A 196 0.93 1.53 -9.04
N PRO A 197 1.48 2.67 -9.42
CA PRO A 197 2.22 2.73 -10.69
C PRO A 197 3.44 1.83 -10.66
N SER A 198 3.77 1.29 -11.83
CA SER A 198 5.08 0.66 -11.99
C SER A 198 6.19 1.69 -11.85
N ASP A 199 5.81 2.95 -11.83
CA ASP A 199 6.75 4.06 -11.92
C ASP A 199 7.02 4.67 -10.55
N GLY A 200 6.15 4.46 -9.59
CA GLY A 200 6.25 5.10 -8.28
C GLY A 200 5.53 4.35 -7.19
N ASN A 201 4.97 5.09 -6.25
CA ASN A 201 4.46 4.55 -5.00
C ASN A 201 2.95 4.37 -5.04
N CYS A 202 2.44 3.62 -4.07
CA CYS A 202 1.01 3.36 -3.95
C CYS A 202 0.29 4.65 -3.57
N THR A 203 -0.68 5.05 -4.39
CA THR A 203 -1.46 6.27 -4.17
C THR A 203 -2.90 5.87 -3.87
N CYS A 204 -3.41 6.30 -2.72
CA CYS A 204 -4.73 5.91 -2.25
C CYS A 204 -5.58 7.15 -2.00
N ILE A 205 -6.83 7.11 -2.45
CA ILE A 205 -7.80 8.17 -2.22
C ILE A 205 -9.00 7.56 -1.51
N PRO A 206 -9.46 8.13 -0.40
CA PRO A 206 -10.58 7.51 0.33
C PRO A 206 -11.87 7.58 -0.46
N ILE A 207 -12.71 6.57 -0.28
CA ILE A 207 -14.05 6.59 -0.88
C ILE A 207 -14.92 7.58 -0.13
N PRO A 208 -15.72 8.40 -0.82
CA PRO A 208 -16.60 9.34 -0.11
C PRO A 208 -17.55 8.60 0.82
N SER A 209 -17.79 9.21 1.99
CA SER A 209 -18.66 8.59 2.98
C SER A 209 -20.12 8.62 2.56
N SER A 210 -20.51 9.62 1.78
CA SER A 210 -21.87 9.72 1.28
C SER A 210 -21.85 10.17 -0.17
N TRP A 211 -22.88 9.75 -0.92
CA TRP A 211 -23.03 10.10 -2.32
C TRP A 211 -21.78 9.75 -3.13
N ALA A 212 -21.21 8.57 -2.85
CA ALA A 212 -20.00 8.15 -3.55
C ALA A 212 -20.26 7.97 -5.03
N PHE A 213 -21.38 7.36 -5.39
CA PHE A 213 -21.71 7.14 -6.80
C PHE A 213 -22.02 8.45 -7.51
N GLY A 214 -22.81 9.32 -6.88
CA GLY A 214 -23.09 10.62 -7.47
C GLY A 214 -21.86 11.48 -7.60
N LYS A 215 -21.00 11.46 -6.58
CA LYS A 215 -19.75 12.21 -6.66
C LYS A 215 -18.86 11.67 -7.77
N PHE A 216 -18.80 10.35 -7.92
CA PHE A 216 -18.02 9.77 -9.01
C PHE A 216 -18.58 10.19 -10.36
N LEU A 217 -19.91 10.19 -10.50
CA LEU A 217 -20.50 10.61 -11.76
C LEU A 217 -20.18 12.07 -12.07
N TRP A 218 -20.24 12.92 -11.05
CA TRP A 218 -19.88 14.33 -11.25
C TRP A 218 -18.42 14.47 -11.66
N GLU A 219 -17.51 13.75 -10.99
CA GLU A 219 -16.10 13.82 -11.35
C GLU A 219 -15.86 13.32 -12.76
N TRP A 220 -16.49 12.20 -13.13
CA TRP A 220 -16.33 11.63 -14.46
C TRP A 220 -16.86 12.56 -15.54
N ALA A 221 -18.01 13.19 -15.28
CA ALA A 221 -18.56 14.14 -16.24
C ALA A 221 -17.65 15.36 -16.37
N SER A 222 -17.13 15.86 -15.25
CA SER A 222 -16.24 17.02 -15.30
C SER A 222 -14.97 16.69 -16.08
N ALA A 223 -14.39 15.51 -15.84
CA ALA A 223 -13.15 15.15 -16.52
C ALA A 223 -13.38 14.90 -18.01
N ARG A 224 -14.42 14.12 -18.34
CA ARG A 224 -14.67 13.80 -19.74
C ARG A 224 -15.15 15.02 -20.52
N PHE A 225 -16.05 15.80 -19.94
CA PHE A 225 -16.54 17.01 -20.59
C PHE A 225 -15.88 18.25 -20.01
N GLN B 1 5.02 28.13 -6.58
CA GLN B 1 6.17 27.25 -6.81
C GLN B 1 6.78 26.80 -5.49
N VAL B 2 6.98 25.48 -5.36
CA VAL B 2 7.59 24.93 -4.17
C VAL B 2 9.08 25.25 -4.16
N GLN B 3 9.56 25.78 -3.04
CA GLN B 3 10.95 26.16 -2.88
C GLN B 3 11.53 25.38 -1.71
N LEU B 4 12.45 24.46 -2.02
CA LEU B 4 13.13 23.70 -0.98
C LEU B 4 14.46 24.36 -0.64
N GLN B 5 14.76 24.46 0.64
CA GLN B 5 16.01 25.08 1.07
C GLN B 5 16.65 24.23 2.15
N GLU B 6 17.87 23.79 1.90
CA GLU B 6 18.59 22.96 2.86
C GLU B 6 19.28 23.83 3.91
N SER B 7 19.53 23.21 5.06
CA SER B 7 20.20 23.89 6.18
C SER B 7 20.87 22.83 7.03
N GLY B 8 21.93 23.25 7.72
CA GLY B 8 22.67 22.35 8.57
C GLY B 8 24.16 22.64 8.53
N PRO B 9 24.94 21.88 9.28
CA PRO B 9 26.39 22.10 9.33
C PRO B 9 27.09 21.59 8.08
N GLY B 10 28.33 22.05 7.91
CA GLY B 10 29.17 21.57 6.84
C GLY B 10 30.46 20.98 7.35
N LEU B 11 30.60 20.92 8.67
CA LEU B 11 31.82 20.43 9.32
C LEU B 11 31.47 19.34 10.32
N VAL B 12 30.66 18.38 9.88
CA VAL B 12 30.29 17.25 10.73
C VAL B 12 31.53 16.41 10.99
N ARG B 13 31.85 16.22 12.27
CA ARG B 13 33.04 15.46 12.63
C ARG B 13 32.82 13.97 12.34
N PRO B 14 33.90 13.22 12.12
CA PRO B 14 33.76 11.78 11.89
C PRO B 14 33.20 11.09 13.13
N SER B 15 32.49 9.98 12.88
CA SER B 15 31.84 9.20 13.94
C SER B 15 30.85 10.05 14.72
N GLU B 16 30.12 10.91 14.02
CA GLU B 16 29.12 11.77 14.64
C GLU B 16 27.85 11.75 13.79
N THR B 17 26.74 12.11 14.42
CA THR B 17 25.46 12.15 13.72
C THR B 17 25.39 13.35 12.81
N LEU B 18 25.05 13.11 11.54
CA LEU B 18 24.89 14.16 10.54
C LEU B 18 23.42 14.57 10.51
N SER B 19 23.15 15.83 10.85
CA SER B 19 21.78 16.34 10.90
C SER B 19 21.60 17.39 9.82
N LEU B 20 20.56 17.22 9.00
CA LEU B 20 20.23 18.16 7.95
C LEU B 20 18.74 18.45 7.97
N THR B 21 18.38 19.67 7.57
CA THR B 21 17.00 20.10 7.53
C THR B 21 16.70 20.64 6.14
N CYS B 22 15.45 20.49 5.70
CA CYS B 22 14.98 21.01 4.43
C CYS B 22 13.67 21.73 4.67
N THR B 23 13.68 23.05 4.57
CA THR B 23 12.49 23.85 4.77
C THR B 23 11.81 24.03 3.41
N VAL B 24 10.52 23.70 3.35
CA VAL B 24 9.75 23.79 2.11
C VAL B 24 8.81 24.98 2.22
N SER B 25 9.06 26.01 1.41
CA SER B 25 8.23 27.20 1.36
C SER B 25 7.41 27.21 0.07
N GLY B 26 6.34 27.98 0.09
CA GLY B 26 5.47 28.05 -1.08
C GLY B 26 4.65 26.80 -1.31
N GLY B 27 4.45 25.99 -0.29
CA GLY B 27 3.68 24.77 -0.45
C GLY B 27 3.55 24.05 0.87
N SER B 28 3.06 22.82 0.79
CA SER B 28 2.86 21.96 1.96
C SER B 28 3.76 20.75 1.84
N ILE B 29 4.52 20.47 2.91
CA ILE B 29 5.39 19.31 2.91
C ILE B 29 4.63 18.00 3.06
N SER B 30 3.35 18.07 3.40
CA SER B 30 2.50 16.89 3.36
C SER B 30 2.07 16.63 1.92
N ASN B 31 1.25 15.59 1.74
CA ASN B 31 0.57 15.32 0.48
C ASN B 31 1.54 14.89 -0.62
N ASP B 32 2.83 14.86 -0.33
CA ASP B 32 3.86 14.52 -1.30
C ASP B 32 4.89 13.60 -0.66
N TYR B 33 5.54 12.81 -1.51
CA TYR B 33 6.71 12.04 -1.11
C TYR B 33 7.95 12.90 -1.27
N TRP B 34 8.84 12.82 -0.29
CA TRP B 34 10.06 13.63 -0.29
C TRP B 34 11.25 12.71 -0.05
N SER B 35 12.30 12.87 -0.86
CA SER B 35 13.47 12.04 -0.78
C SER B 35 14.70 12.88 -0.45
N TRP B 36 15.68 12.22 0.13
CA TRP B 36 17.03 12.75 0.29
C TRP B 36 17.94 11.99 -0.65
N ILE B 37 18.70 12.72 -1.46
CA ILE B 37 19.65 12.17 -2.42
C ILE B 37 20.98 12.86 -2.18
N ARG B 38 22.05 12.09 -2.08
CA ARG B 38 23.37 12.67 -1.86
C ARG B 38 24.26 12.42 -3.07
N GLN B 39 25.16 13.36 -3.32
CA GLN B 39 26.13 13.28 -4.41
C GLN B 39 27.51 13.61 -3.86
N PRO B 40 28.41 12.64 -3.75
CA PRO B 40 29.78 12.97 -3.34
C PRO B 40 30.43 13.87 -4.36
N PRO B 41 31.30 14.77 -3.91
CA PRO B 41 31.92 15.73 -4.85
C PRO B 41 32.73 15.01 -5.93
N GLY B 42 32.34 15.23 -7.18
CA GLY B 42 32.95 14.56 -8.30
C GLY B 42 32.42 13.17 -8.59
N LYS B 43 31.40 12.72 -7.88
CA LYS B 43 30.82 11.40 -8.06
C LYS B 43 29.35 11.52 -8.46
N GLY B 44 28.72 10.38 -8.68
CA GLY B 44 27.33 10.36 -9.12
C GLY B 44 26.35 10.47 -7.97
N LEU B 45 25.08 10.65 -8.35
CA LEU B 45 24.02 10.81 -7.36
C LEU B 45 23.75 9.48 -6.65
N GLU B 46 23.44 9.56 -5.36
CA GLU B 46 23.16 8.38 -4.57
C GLU B 46 21.93 8.65 -3.72
N TRP B 47 20.85 7.91 -3.97
CA TRP B 47 19.58 8.13 -3.30
C TRP B 47 19.64 7.60 -1.88
N ILE B 48 19.37 8.47 -0.91
CA ILE B 48 19.40 8.09 0.50
C ILE B 48 18.06 7.50 0.94
N GLY B 49 16.97 8.21 0.71
CA GLY B 49 15.69 7.63 1.09
C GLY B 49 14.48 8.54 0.99
N GLN B 50 13.29 7.95 0.97
CA GLN B 50 12.05 8.68 0.79
C GLN B 50 11.18 8.59 2.03
N ILE B 51 10.22 9.50 2.12
CA ILE B 51 9.26 9.51 3.23
C ILE B 51 8.01 10.26 2.77
N HIS B 52 6.87 9.82 3.29
CA HIS B 52 5.61 10.53 3.12
C HIS B 52 5.10 10.95 4.48
N SER B 53 4.43 12.09 4.54
CA SER B 53 3.90 12.60 5.81
C SER B 53 2.88 11.63 6.40
N LYS B 54 2.00 11.09 5.56
CA LYS B 54 0.96 10.17 5.99
C LYS B 54 1.32 8.71 5.72
N GLY B 55 2.59 8.38 5.70
CA GLY B 55 2.98 7.02 5.41
C GLY B 55 4.29 6.67 6.07
N ASP B 56 4.93 5.63 5.54
CA ASP B 56 6.19 5.14 6.06
C ASP B 56 7.35 5.73 5.25
N THR B 57 8.56 5.34 5.63
CA THR B 57 9.77 5.81 5.00
C THR B 57 10.58 4.64 4.46
N ASN B 58 11.17 4.83 3.28
CA ASN B 58 11.97 3.81 2.63
C ASN B 58 13.42 4.27 2.59
N TYR B 59 14.34 3.35 2.88
CA TYR B 59 15.75 3.70 2.98
C TYR B 59 16.58 2.89 2.01
N ASN B 60 17.71 3.44 1.64
CA ASN B 60 18.66 2.72 0.79
C ASN B 60 19.38 1.68 1.62
N PRO B 61 19.34 0.40 1.23
CA PRO B 61 20.03 -0.63 2.02
C PRO B 61 21.53 -0.44 2.08
N SER B 62 22.12 0.30 1.14
CA SER B 62 23.56 0.54 1.16
C SER B 62 24.00 1.38 2.35
N LEU B 63 23.05 2.03 3.03
CA LEU B 63 23.35 2.83 4.22
C LEU B 63 23.32 2.01 5.50
N LYS B 64 22.93 0.73 5.42
CA LYS B 64 22.97 -0.19 6.56
C LYS B 64 22.13 0.32 7.73
N SER B 65 20.98 0.92 7.42
CA SER B 65 19.99 1.32 8.42
C SER B 65 20.55 2.28 9.46
N ARG B 66 21.49 3.12 9.07
CA ARG B 66 22.00 4.17 9.95
C ARG B 66 21.45 5.54 9.59
N VAL B 67 20.36 5.58 8.82
CA VAL B 67 19.78 6.82 8.32
C VAL B 67 18.31 6.87 8.74
N THR B 68 17.89 8.01 9.28
CA THR B 68 16.51 8.24 9.68
C THR B 68 16.02 9.53 9.04
N ILE B 69 14.86 9.45 8.38
CA ILE B 69 14.25 10.60 7.73
C ILE B 69 12.91 10.87 8.40
N SER B 70 12.62 12.13 8.66
CA SER B 70 11.40 12.51 9.36
C SER B 70 10.79 13.75 8.71
N VAL B 71 9.51 13.96 8.94
CA VAL B 71 8.77 15.09 8.42
C VAL B 71 8.12 15.83 9.58
N ASP B 72 8.30 17.14 9.62
CA ASP B 72 7.67 18.02 10.60
C ASP B 72 6.66 18.88 9.85
N THR B 73 5.40 18.46 9.85
CA THR B 73 4.38 19.18 9.10
C THR B 73 4.10 20.56 9.69
N SER B 74 4.30 20.72 11.00
CA SER B 74 4.10 22.03 11.61
C SER B 74 5.07 23.06 11.06
N LYS B 75 6.33 22.68 10.86
CA LYS B 75 7.34 23.57 10.34
C LYS B 75 7.59 23.40 8.84
N ASN B 76 6.86 22.50 8.18
CA ASN B 76 7.11 22.16 6.77
C ASN B 76 8.56 21.76 6.57
N GLN B 77 9.08 20.94 7.47
CA GLN B 77 10.49 20.60 7.51
C GLN B 77 10.70 19.14 7.20
N LEU B 78 11.84 18.83 6.57
CA LEU B 78 12.24 17.48 6.23
C LEU B 78 13.61 17.24 6.83
N SER B 79 13.68 16.35 7.83
CA SER B 79 14.89 16.15 8.60
C SER B 79 15.57 14.85 8.21
N LEU B 80 16.89 14.90 8.09
CA LEU B 80 17.73 13.75 7.76
C LEU B 80 18.78 13.57 8.85
N LYS B 81 18.94 12.33 9.32
CA LYS B 81 19.92 11.99 10.34
C LYS B 81 20.72 10.80 9.83
N VAL B 82 21.97 11.01 9.49
CA VAL B 82 22.88 9.96 9.04
C VAL B 82 23.84 9.71 10.19
N ARG B 83 23.62 8.61 10.92
CA ARG B 83 24.43 8.32 12.10
C ARG B 83 25.73 7.62 11.72
N SER B 84 26.77 7.91 12.50
CA SER B 84 28.09 7.28 12.35
C SER B 84 28.65 7.50 10.94
N VAL B 85 28.91 8.77 10.64
CA VAL B 85 29.42 9.14 9.32
C VAL B 85 30.92 8.89 9.27
N THR B 86 31.41 8.61 8.07
CA THR B 86 32.83 8.48 7.78
C THR B 86 33.22 9.51 6.73
N ALA B 87 34.46 9.44 6.26
CA ALA B 87 34.91 10.36 5.22
C ALA B 87 34.14 10.16 3.92
N ALA B 88 33.49 9.01 3.74
CA ALA B 88 32.68 8.77 2.55
C ALA B 88 31.37 9.53 2.55
N ASP B 89 30.96 10.08 3.69
CA ASP B 89 29.70 10.82 3.79
C ASP B 89 29.84 12.28 3.38
N THR B 90 31.04 12.73 3.03
CA THR B 90 31.23 14.07 2.50
C THR B 90 30.54 14.17 1.16
N ALA B 91 29.44 14.93 1.09
CA ALA B 91 28.63 14.96 -0.11
C ALA B 91 27.72 16.18 -0.09
N VAL B 92 27.16 16.49 -1.24
CA VAL B 92 26.10 17.50 -1.36
C VAL B 92 24.76 16.78 -1.25
N TYR B 93 23.95 17.19 -0.28
CA TYR B 93 22.66 16.56 -0.03
C TYR B 93 21.54 17.42 -0.59
N TYR B 94 20.60 16.78 -1.28
CA TYR B 94 19.45 17.43 -1.88
C TYR B 94 18.19 16.81 -1.29
N CYS B 95 17.24 17.66 -0.89
CA CYS B 95 15.88 17.22 -0.63
C CYS B 95 15.08 17.44 -1.90
N ALA B 96 14.34 16.42 -2.32
CA ALA B 96 13.67 16.43 -3.61
C ALA B 96 12.23 15.98 -3.44
N ARG B 97 11.31 16.73 -4.04
CA ARG B 97 9.91 16.38 -4.00
C ARG B 97 9.62 15.40 -5.13
N HIS B 98 8.85 14.36 -4.82
CA HIS B 98 8.57 13.32 -5.80
C HIS B 98 7.52 13.80 -6.80
N LEU B 99 7.73 13.43 -8.06
CA LEU B 99 6.77 13.76 -9.11
C LEU B 99 5.43 13.10 -8.82
N TYR B 100 4.35 13.80 -9.16
CA TYR B 100 3.00 13.27 -9.07
C TYR B 100 2.35 13.41 -10.44
N ARG B 101 2.08 12.28 -11.10
CA ARG B 101 1.37 12.23 -12.38
C ARG B 101 0.32 11.14 -12.27
N TYR B 102 -0.87 11.51 -11.79
CA TYR B 102 -1.96 10.55 -11.57
C TYR B 102 -1.50 9.43 -10.65
N GLY B 103 -0.75 9.79 -9.63
CA GLY B 103 -0.16 8.83 -8.71
C GLY B 103 1.22 9.28 -8.30
N TYR B 104 1.67 8.80 -7.14
CA TYR B 104 2.99 9.14 -6.65
C TYR B 104 4.05 8.45 -7.51
N ARG B 105 5.03 9.22 -7.97
CA ARG B 105 6.10 8.71 -8.80
C ARG B 105 7.43 8.82 -8.06
N ASN B 106 8.36 7.96 -8.41
CA ASN B 106 9.69 7.95 -7.80
C ASN B 106 10.66 8.88 -8.53
N TYR B 107 10.15 9.95 -9.11
CA TYR B 107 10.98 10.89 -9.81
C TYR B 107 11.03 12.12 -8.97
N PHE B 108 12.04 12.95 -9.16
CA PHE B 108 12.27 14.14 -8.35
C PHE B 108 12.17 15.36 -9.25
N ASP B 109 11.02 16.04 -9.22
CA ASP B 109 10.79 17.18 -10.09
C ASP B 109 11.34 18.49 -9.52
N TYR B 110 11.12 18.74 -8.24
CA TYR B 110 11.67 19.90 -7.56
C TYR B 110 12.80 19.45 -6.64
N TRP B 111 13.94 20.13 -6.73
CA TRP B 111 15.12 19.80 -5.94
C TRP B 111 15.49 20.98 -5.07
N GLY B 112 16.09 20.68 -3.92
CA GLY B 112 16.65 21.72 -3.10
C GLY B 112 17.94 22.25 -3.69
N GLN B 113 18.39 23.38 -3.14
CA GLN B 113 19.63 23.98 -3.63
C GLN B 113 20.84 23.10 -3.37
N GLY B 114 20.76 22.19 -2.41
CA GLY B 114 21.85 21.28 -2.11
C GLY B 114 22.83 21.85 -1.11
N ASN B 115 23.03 21.15 0.00
CA ASN B 115 23.93 21.59 1.04
C ASN B 115 25.11 20.63 1.13
N LEU B 116 26.32 21.15 1.04
CA LEU B 116 27.53 20.33 1.07
C LEU B 116 27.95 20.11 2.52
N VAL B 117 28.06 18.85 2.92
CA VAL B 117 28.51 18.47 4.24
C VAL B 117 29.85 17.75 4.10
N THR B 118 30.85 18.23 4.81
CA THR B 118 32.20 17.67 4.78
C THR B 118 32.47 16.96 6.10
N VAL B 119 32.92 15.72 6.02
CA VAL B 119 33.26 14.92 7.20
C VAL B 119 34.78 14.83 7.27
N SER B 120 35.35 15.45 8.30
CA SER B 120 36.80 15.48 8.46
C SER B 120 37.18 15.80 9.90
N ASP C 1 19.14 -3.97 -5.91
CA ASP C 1 19.88 -2.88 -6.53
C ASP C 1 19.98 -3.10 -8.03
N ILE C 2 19.34 -2.21 -8.81
CA ILE C 2 19.39 -2.28 -10.26
C ILE C 2 20.55 -1.42 -10.73
N GLN C 3 21.57 -2.07 -11.29
CA GLN C 3 22.71 -1.33 -11.82
C GLN C 3 22.29 -0.53 -13.04
N MET C 4 22.68 0.75 -13.07
CA MET C 4 22.29 1.66 -14.13
C MET C 4 23.55 2.16 -14.82
N THR C 5 23.81 1.65 -16.03
CA THR C 5 25.03 1.94 -16.76
C THR C 5 24.75 3.01 -17.81
N GLN C 6 25.72 3.88 -18.04
CA GLN C 6 25.58 4.98 -18.98
C GLN C 6 26.70 4.95 -20.01
N SER C 7 26.39 5.43 -21.21
CA SER C 7 27.31 5.40 -22.32
C SER C 7 27.12 6.59 -23.24
N PRO C 8 28.20 7.31 -23.59
CA PRO C 8 29.53 7.11 -23.01
C PRO C 8 29.70 7.95 -21.75
N SER C 9 30.87 7.85 -21.10
CA SER C 9 31.13 8.67 -19.92
C SER C 9 31.24 10.15 -20.27
N SER C 10 31.51 10.48 -21.54
CA SER C 10 31.63 11.86 -21.96
C SER C 10 31.35 11.94 -23.45
N VAL C 11 30.62 12.98 -23.86
CA VAL C 11 30.28 13.22 -25.26
C VAL C 11 30.88 14.56 -25.65
N SER C 12 31.68 14.57 -26.72
CA SER C 12 32.26 15.79 -27.25
C SER C 12 31.39 16.23 -28.43
N ALA C 13 30.55 17.24 -28.19
CA ALA C 13 29.62 17.71 -29.21
C ALA C 13 29.64 19.23 -29.25
N SER C 14 29.27 19.77 -30.41
CA SER C 14 29.20 21.20 -30.64
C SER C 14 27.75 21.65 -30.72
N VAL C 15 27.56 22.94 -31.01
CA VAL C 15 26.21 23.49 -31.07
C VAL C 15 25.51 23.00 -32.33
N GLY C 16 24.29 22.50 -32.16
CA GLY C 16 23.50 22.03 -33.29
C GLY C 16 23.88 20.64 -33.75
N ASP C 17 23.98 19.70 -32.82
CA ASP C 17 24.33 18.33 -33.12
C ASP C 17 23.33 17.37 -32.51
N ARG C 18 23.13 16.24 -33.17
CA ARG C 18 22.26 15.18 -32.67
C ARG C 18 23.03 14.39 -31.62
N VAL C 19 22.77 14.68 -30.35
CA VAL C 19 23.52 14.09 -29.25
C VAL C 19 22.70 12.96 -28.65
N THR C 20 23.32 11.81 -28.45
CA THR C 20 22.66 10.64 -27.88
C THR C 20 23.38 10.20 -26.62
N ILE C 21 22.60 9.83 -25.61
CA ILE C 21 23.11 9.30 -24.35
C ILE C 21 22.36 8.00 -24.08
N ALA C 22 23.10 6.91 -23.88
CA ALA C 22 22.51 5.60 -23.68
C ALA C 22 22.54 5.23 -22.21
N CYS C 23 21.46 4.61 -21.73
CA CYS C 23 21.40 4.05 -20.40
C CYS C 23 20.91 2.62 -20.49
N ARG C 24 21.40 1.78 -19.59
CA ARG C 24 21.09 0.36 -19.58
C ARG C 24 20.81 -0.07 -18.15
N ALA C 25 19.74 -0.85 -17.98
CA ALA C 25 19.36 -1.37 -16.69
C ALA C 25 19.84 -2.81 -16.55
N SER C 26 20.27 -3.17 -15.35
CA SER C 26 20.69 -4.54 -15.10
C SER C 26 19.54 -5.52 -15.34
N GLN C 27 18.34 -5.13 -14.92
CA GLN C 27 17.13 -5.87 -15.22
C GLN C 27 16.05 -4.90 -15.70
N GLY C 28 15.11 -5.43 -16.47
CA GLY C 28 14.07 -4.60 -17.05
C GLY C 28 13.30 -3.79 -16.03
N ILE C 29 13.18 -2.49 -16.27
CA ILE C 29 12.55 -1.58 -15.32
C ILE C 29 11.18 -1.12 -15.80
N SER C 30 10.60 -1.80 -16.78
CA SER C 30 9.23 -1.54 -17.24
C SER C 30 9.03 -0.09 -17.61
N SER C 31 10.01 0.49 -18.32
CA SER C 31 9.95 1.88 -18.78
C SER C 31 9.77 2.84 -17.61
N GLY C 32 10.41 2.53 -16.49
CA GLY C 32 10.36 3.39 -15.32
C GLY C 32 11.63 4.19 -15.15
N LEU C 33 12.14 4.74 -16.25
CA LEU C 33 13.40 5.47 -16.26
C LEU C 33 13.15 6.95 -16.46
N ALA C 34 14.03 7.76 -15.85
CA ALA C 34 13.99 9.20 -15.95
C ALA C 34 15.36 9.73 -16.33
N TRP C 35 15.37 10.87 -17.01
CA TRP C 35 16.57 11.58 -17.39
C TRP C 35 16.60 12.92 -16.68
N TYR C 36 17.70 13.20 -15.98
CA TYR C 36 17.94 14.43 -15.26
C TYR C 36 19.15 15.14 -15.85
N GLN C 37 19.09 16.46 -15.84
CA GLN C 37 20.19 17.31 -16.29
C GLN C 37 20.73 18.10 -15.10
N GLN C 38 22.04 18.00 -14.87
CA GLN C 38 22.68 18.68 -13.76
C GLN C 38 23.84 19.52 -14.28
N LYS C 39 23.82 20.79 -13.96
CA LYS C 39 24.88 21.73 -14.30
C LYS C 39 25.83 21.90 -13.12
N PRO C 40 27.08 22.31 -13.38
CA PRO C 40 28.05 22.42 -12.29
C PRO C 40 27.59 23.37 -11.20
N GLY C 41 27.54 22.86 -9.97
CA GLY C 41 27.12 23.66 -8.84
C GLY C 41 25.62 23.88 -8.72
N LYS C 42 24.82 23.07 -9.41
CA LYS C 42 23.37 23.21 -9.38
C LYS C 42 22.72 21.85 -9.18
N ALA C 43 21.48 21.87 -8.71
CA ALA C 43 20.74 20.65 -8.50
C ALA C 43 20.29 20.07 -9.85
N PRO C 44 20.14 18.75 -9.93
CA PRO C 44 19.64 18.14 -11.17
C PRO C 44 18.24 18.60 -11.49
N LYS C 45 17.95 18.67 -12.79
CA LYS C 45 16.65 19.07 -13.30
C LYS C 45 16.02 17.89 -14.02
N LEU C 46 14.83 17.50 -13.60
CA LEU C 46 14.13 16.37 -14.20
C LEU C 46 13.76 16.73 -15.64
N LEU C 47 14.41 16.09 -16.60
CA LEU C 47 14.12 16.33 -18.01
C LEU C 47 12.99 15.45 -18.52
N ILE C 48 13.10 14.15 -18.30
CA ILE C 48 12.14 13.19 -18.85
C ILE C 48 11.79 12.19 -17.76
N HIS C 49 10.52 11.82 -17.68
CA HIS C 49 10.09 10.78 -16.76
C HIS C 49 9.35 9.69 -17.54
N ALA C 50 9.38 8.48 -17.00
CA ALA C 50 8.82 7.28 -17.63
C ALA C 50 9.49 6.96 -18.96
N ALA C 51 10.70 7.49 -19.17
CA ALA C 51 11.58 7.16 -20.28
C ALA C 51 11.11 7.74 -21.61
N SER C 52 9.89 8.29 -21.65
CA SER C 52 9.42 8.96 -22.85
C SER C 52 8.64 10.25 -22.61
N SER C 53 8.18 10.52 -21.39
CA SER C 53 7.32 11.66 -21.13
C SER C 53 8.19 12.87 -20.78
N LEU C 54 8.17 13.87 -21.65
CA LEU C 54 8.93 15.09 -21.40
C LEU C 54 8.32 15.87 -20.24
N GLN C 55 9.19 16.51 -19.47
CA GLN C 55 8.73 17.30 -18.33
C GLN C 55 8.15 18.63 -18.80
N SER C 56 7.21 19.14 -18.01
CA SER C 56 6.59 20.42 -18.32
C SER C 56 7.61 21.55 -18.18
N GLY C 57 7.71 22.39 -19.20
CA GLY C 57 8.68 23.45 -19.25
C GLY C 57 10.00 23.07 -19.87
N VAL C 58 10.29 21.78 -20.01
CA VAL C 58 11.52 21.35 -20.68
C VAL C 58 11.38 21.57 -22.17
N PRO C 59 12.40 22.10 -22.85
CA PRO C 59 12.29 22.28 -24.31
C PRO C 59 12.07 20.95 -25.03
N SER C 60 11.30 21.02 -26.11
CA SER C 60 10.90 19.82 -26.82
C SER C 60 12.04 19.14 -27.58
N ARG C 61 13.21 19.76 -27.65
CA ARG C 61 14.35 19.15 -28.32
C ARG C 61 14.84 17.89 -27.63
N PHE C 62 14.48 17.68 -26.37
CA PHE C 62 14.83 16.47 -25.65
C PHE C 62 13.80 15.39 -25.93
N SER C 63 14.27 14.16 -26.16
CA SER C 63 13.38 13.04 -26.41
C SER C 63 13.94 11.80 -25.72
N GLY C 64 13.03 10.90 -25.36
CA GLY C 64 13.42 9.66 -24.71
C GLY C 64 12.85 8.43 -25.41
N SER C 65 13.71 7.48 -25.76
CA SER C 65 13.31 6.24 -26.39
C SER C 65 13.64 5.07 -25.47
N GLU C 66 12.83 4.03 -25.54
CA GLU C 66 12.90 2.91 -24.61
C GLU C 66 12.95 1.58 -25.36
N SER C 67 13.83 1.51 -26.37
CA SER C 67 13.97 0.30 -27.18
C SER C 67 14.55 -0.81 -26.31
N GLY C 68 13.70 -1.74 -25.89
CA GLY C 68 14.13 -2.81 -25.01
C GLY C 68 14.52 -2.27 -23.64
N THR C 69 15.49 -2.95 -23.02
CA THR C 69 16.05 -2.47 -21.76
C THR C 69 17.05 -1.34 -21.96
N GLU C 70 17.37 -1.01 -23.21
CA GLU C 70 18.31 0.06 -23.53
C GLU C 70 17.53 1.35 -23.78
N PHE C 71 17.66 2.31 -22.87
CA PHE C 71 17.00 3.60 -22.99
C PHE C 71 17.96 4.62 -23.57
N THR C 72 17.40 5.64 -24.20
CA THR C 72 18.21 6.63 -24.90
C THR C 72 17.61 8.01 -24.72
N LEU C 73 18.46 8.98 -24.38
CA LEU C 73 18.11 10.39 -24.39
C LEU C 73 18.71 11.03 -25.63
N THR C 74 17.89 11.79 -26.35
CA THR C 74 18.31 12.38 -27.63
C THR C 74 18.07 13.88 -27.57
N ILE C 75 19.08 14.64 -27.96
CA ILE C 75 19.00 16.09 -28.11
C ILE C 75 19.19 16.41 -29.58
N SER C 76 18.15 17.00 -30.19
CA SER C 76 18.19 17.27 -31.62
C SER C 76 19.21 18.35 -31.96
N SER C 77 19.16 19.48 -31.23
CA SER C 77 20.07 20.60 -31.46
C SER C 77 20.67 20.98 -30.12
N LEU C 78 21.96 20.73 -29.95
CA LEU C 78 22.64 20.97 -28.68
C LEU C 78 22.84 22.47 -28.50
N GLN C 79 21.95 23.11 -27.74
CA GLN C 79 22.09 24.52 -27.43
C GLN C 79 23.26 24.72 -26.47
N PRO C 80 23.82 25.94 -26.43
CA PRO C 80 24.92 26.19 -25.48
C PRO C 80 24.54 26.00 -24.03
N GLU C 81 23.26 26.06 -23.69
CA GLU C 81 22.79 25.79 -22.34
C GLU C 81 22.53 24.31 -22.09
N ASP C 82 22.74 23.45 -23.08
CA ASP C 82 22.52 22.03 -22.93
C ASP C 82 23.76 21.26 -22.52
N PHE C 83 24.89 21.95 -22.32
CA PHE C 83 26.14 21.29 -21.93
C PHE C 83 26.11 21.08 -20.43
N ALA C 84 25.86 19.84 -20.01
CA ALA C 84 25.73 19.51 -18.61
C ALA C 84 26.00 18.02 -18.45
N THR C 85 25.69 17.48 -17.28
CA THR C 85 25.81 16.05 -17.00
C THR C 85 24.42 15.44 -16.92
N TYR C 86 24.20 14.35 -17.63
CA TYR C 86 22.89 13.73 -17.72
C TYR C 86 22.89 12.40 -16.98
N TYR C 87 21.93 12.23 -16.08
CA TYR C 87 21.81 11.04 -15.26
C TYR C 87 20.52 10.31 -15.60
N CYS C 88 20.59 8.98 -15.61
CA CYS C 88 19.40 8.15 -15.79
C CYS C 88 19.06 7.47 -14.48
N GLN C 89 17.81 7.59 -14.06
CA GLN C 89 17.30 7.00 -12.84
C GLN C 89 16.33 5.87 -13.18
N GLN C 90 16.41 4.77 -12.46
CA GLN C 90 15.37 3.77 -12.49
C GLN C 90 14.40 4.01 -11.34
N ALA C 91 13.11 3.85 -11.61
CA ALA C 91 12.08 4.04 -10.61
C ALA C 91 11.22 2.81 -10.39
N ASN C 92 11.47 1.73 -11.11
CA ASN C 92 10.62 0.54 -11.01
C ASN C 92 10.75 -0.10 -9.63
N SER C 93 11.97 -0.23 -9.12
CA SER C 93 12.21 -0.94 -7.88
C SER C 93 13.11 -0.11 -6.97
N PHE C 94 13.06 -0.43 -5.68
CA PHE C 94 13.83 0.18 -4.61
C PHE C 94 15.06 -0.68 -4.29
N PRO C 95 16.20 -0.05 -3.97
CA PRO C 95 16.39 1.40 -3.88
C PRO C 95 16.50 2.05 -5.25
N LEU C 96 16.05 3.30 -5.35
CA LEU C 96 16.18 4.04 -6.59
C LEU C 96 17.64 4.35 -6.86
N THR C 97 18.11 3.99 -8.06
CA THR C 97 19.50 4.15 -8.42
C THR C 97 19.63 5.03 -9.65
N PHE C 98 20.69 5.82 -9.68
CA PHE C 98 20.98 6.69 -10.80
C PHE C 98 22.05 6.08 -11.71
N GLY C 99 22.21 6.67 -12.87
CA GLY C 99 23.32 6.31 -13.73
C GLY C 99 24.60 6.99 -13.30
N GLY C 100 25.69 6.62 -13.95
CA GLY C 100 26.98 7.22 -13.65
C GLY C 100 27.09 8.66 -14.08
N GLY C 101 26.27 9.09 -15.03
CA GLY C 101 26.31 10.46 -15.51
C GLY C 101 27.11 10.60 -16.79
N THR C 102 26.48 11.13 -17.84
CA THR C 102 27.13 11.39 -19.11
C THR C 102 27.37 12.89 -19.23
N LYS C 103 28.64 13.28 -19.16
CA LYS C 103 29.02 14.69 -19.21
C LYS C 103 29.17 15.10 -20.67
N VAL C 104 28.20 15.85 -21.18
CA VAL C 104 28.24 16.34 -22.55
C VAL C 104 29.18 17.55 -22.59
N GLU C 105 30.30 17.39 -23.27
CA GLU C 105 31.34 18.41 -23.30
C GLU C 105 31.26 19.22 -24.60
N PHE C 106 32.23 20.09 -24.80
CA PHE C 106 32.28 20.93 -26.00
C PHE C 106 32.90 20.18 -27.18
N ILE D 83 -40.93 10.39 -30.11
CA ILE D 83 -40.95 9.22 -29.25
C ILE D 83 -42.11 9.22 -28.25
N PRO D 84 -42.33 10.34 -27.52
CA PRO D 84 -43.49 10.37 -26.60
C PRO D 84 -44.82 10.16 -27.32
N GLN D 85 -44.96 10.66 -28.54
CA GLN D 85 -46.19 10.47 -29.29
C GLN D 85 -46.44 9.00 -29.57
N SER D 86 -45.38 8.26 -29.94
CA SER D 86 -45.54 6.83 -30.19
C SER D 86 -45.95 6.08 -28.93
N LEU D 87 -45.34 6.42 -27.79
CA LEU D 87 -45.72 5.78 -26.53
C LEU D 87 -47.16 6.09 -26.16
N ASP D 88 -47.58 7.35 -26.33
CA ASP D 88 -48.96 7.71 -26.05
C ASP D 88 -49.94 6.97 -26.95
N SER D 89 -49.60 6.86 -28.24
CA SER D 89 -50.46 6.13 -29.17
C SER D 89 -50.55 4.65 -28.79
N TRP D 90 -49.43 4.05 -28.42
CA TRP D 90 -49.43 2.64 -28.01
C TRP D 90 -50.27 2.44 -26.76
N TRP D 91 -50.14 3.34 -25.78
CA TRP D 91 -50.92 3.22 -24.55
C TRP D 91 -52.41 3.39 -24.83
N THR D 92 -52.77 4.34 -25.69
CA THR D 92 -54.18 4.54 -26.03
C THR D 92 -54.74 3.33 -26.76
N SER D 93 -53.95 2.74 -27.66
CA SER D 93 -54.36 1.54 -28.37
C SER D 93 -54.58 0.39 -27.39
N LEU D 94 -53.68 0.26 -26.42
CA LEU D 94 -53.84 -0.78 -25.39
C LEU D 94 -55.10 -0.54 -24.57
N ASN D 95 -55.36 0.71 -24.19
CA ASN D 95 -56.55 1.02 -23.40
C ASN D 95 -57.82 0.76 -24.21
N PHE D 96 -57.82 1.14 -25.48
CA PHE D 96 -59.00 0.96 -26.34
C PHE D 96 -59.16 -0.51 -26.73
N TYR D 127 -56.20 22.44 -25.21
CA TYR D 127 -55.77 21.09 -24.91
C TYR D 127 -54.41 21.07 -24.25
N ARG D 128 -54.39 20.89 -22.92
CA ARG D 128 -53.16 20.83 -22.16
C ARG D 128 -52.89 19.48 -21.53
N TRP D 129 -53.89 18.60 -21.45
CA TRP D 129 -53.68 17.26 -20.89
C TRP D 129 -52.72 16.45 -21.76
N MET D 130 -52.85 16.58 -23.09
CA MET D 130 -51.95 15.87 -23.98
C MET D 130 -50.51 16.32 -23.80
N ALA D 131 -50.31 17.64 -23.61
CA ALA D 131 -48.96 18.14 -23.38
C ALA D 131 -48.37 17.58 -22.08
N LEU D 132 -49.18 17.53 -21.03
CA LEU D 132 -48.70 16.99 -19.76
C LEU D 132 -48.37 15.50 -19.89
N ARG D 133 -49.21 14.75 -20.60
CA ARG D 133 -48.93 13.33 -20.82
C ARG D 133 -47.65 13.14 -21.61
N ARG D 134 -47.45 13.97 -22.65
CA ARG D 134 -46.23 13.88 -23.44
C ARG D 134 -45.00 14.22 -22.59
N PHE D 135 -45.11 15.22 -21.72
CA PHE D 135 -44.00 15.57 -20.85
C PHE D 135 -43.67 14.44 -19.89
N ILE D 136 -44.71 13.80 -19.32
CA ILE D 136 -44.48 12.67 -18.42
C ILE D 136 -43.83 11.51 -19.16
N ILE D 137 -44.29 11.23 -20.38
CA ILE D 137 -43.70 10.16 -21.17
C ILE D 137 -42.25 10.47 -21.50
N PHE D 138 -41.95 11.73 -21.82
CA PHE D 138 -40.58 12.13 -22.12
C PHE D 138 -39.70 11.99 -20.89
N LEU D 139 -40.21 12.37 -19.71
CA LEU D 139 -39.44 12.20 -18.48
C LEU D 139 -39.16 10.73 -18.21
N PHE D 140 -40.16 9.86 -18.39
CA PHE D 140 -39.95 8.43 -18.20
C PHE D 140 -38.92 7.89 -19.19
N ILE D 141 -38.99 8.34 -20.45
CA ILE D 141 -38.03 7.90 -21.45
C ILE D 141 -36.62 8.35 -21.09
N LEU D 142 -36.48 9.60 -20.59
CA LEU D 142 -35.18 10.08 -20.18
C LEU D 142 -34.63 9.29 -19.00
N LEU D 143 -35.50 8.95 -18.05
CA LEU D 143 -35.06 8.12 -16.92
C LEU D 143 -34.62 6.74 -17.38
N LEU D 144 -35.37 6.14 -18.30
CA LEU D 144 -34.99 4.83 -18.83
C LEU D 144 -33.68 4.91 -19.59
N ALA D 145 -33.47 6.00 -20.34
CA ALA D 145 -32.21 6.21 -21.04
C ALA D 145 -31.06 6.37 -20.05
N LEU D 146 -31.30 7.05 -18.93
CA LEU D 146 -30.26 7.17 -17.91
C LEU D 146 -29.93 5.80 -17.33
N ILE D 147 -30.94 4.97 -17.10
CA ILE D 147 -30.69 3.61 -16.61
C ILE D 147 -29.86 2.82 -17.62
N PHE D 148 -30.24 2.92 -18.90
CA PHE D 148 -29.50 2.20 -19.94
C PHE D 148 -28.06 2.69 -20.03
N LEU D 149 -27.86 4.00 -19.88
CA LEU D 149 -26.51 4.55 -19.89
C LEU D 149 -25.69 4.03 -18.72
N LEU D 150 -26.29 3.99 -17.52
CA LEU D 150 -25.58 3.46 -16.37
C LEU D 150 -25.24 1.99 -16.54
N VAL D 151 -26.17 1.21 -17.09
CA VAL D 151 -25.91 -0.22 -17.33
C VAL D 151 -24.80 -0.39 -18.37
N LEU D 152 -24.82 0.43 -19.42
CA LEU D 152 -23.79 0.35 -20.45
C LEU D 152 -22.42 0.70 -19.90
N LEU D 153 -22.33 1.79 -19.12
CA LEU D 153 -21.07 2.14 -18.47
C LEU D 153 -20.64 1.09 -17.46
N ASP D 154 -21.59 0.39 -16.84
CA ASP D 154 -21.23 -0.71 -15.95
C ASP D 154 -20.63 -1.86 -16.75
N TYR D 155 -21.19 -2.13 -17.94
CA TYR D 155 -20.66 -3.19 -18.80
C TYR D 155 -19.24 -2.89 -19.27
N GLN D 156 -18.97 -1.65 -19.66
CA GLN D 156 -17.64 -1.30 -20.15
C GLN D 156 -16.62 -1.17 -19.03
N GLY D 157 -17.04 -1.25 -17.77
CA GLY D 157 -16.11 -1.14 -16.67
C GLY D 157 -15.76 0.27 -16.27
N MET D 158 -16.50 1.26 -16.77
CA MET D 158 -16.25 2.66 -16.44
C MET D 158 -16.82 3.06 -15.08
N LEU D 159 -17.51 2.16 -14.40
CA LEU D 159 -17.98 2.39 -13.04
C LEU D 159 -17.12 1.60 -12.08
N PRO D 160 -16.22 2.22 -11.33
CA PRO D 160 -15.29 1.48 -10.46
C PRO D 160 -15.86 1.27 -9.06
N VAL D 161 -16.90 0.46 -8.97
CA VAL D 161 -17.51 0.13 -7.69
C VAL D 161 -16.63 -0.91 -7.00
N CYS D 162 -16.34 -0.67 -5.73
CA CYS D 162 -15.38 -1.49 -5.00
C CYS D 162 -15.94 -2.87 -4.71
N PRO D 163 -15.23 -3.94 -5.04
CA PRO D 163 -15.60 -5.26 -4.52
C PRO D 163 -15.34 -5.32 -3.03
N LEU D 164 -16.17 -6.09 -2.33
CA LEU D 164 -16.05 -6.19 -0.88
C LEU D 164 -14.81 -7.00 -0.51
N ILE D 165 -14.27 -6.72 0.68
CA ILE D 165 -13.10 -7.44 1.18
C ILE D 165 -13.52 -8.85 1.53
N PRO D 166 -12.88 -9.87 0.95
CA PRO D 166 -13.25 -11.26 1.26
C PRO D 166 -12.97 -11.59 2.71
N GLY D 167 -13.79 -12.50 3.26
CA GLY D 167 -13.61 -12.92 4.63
C GLY D 167 -12.44 -13.86 4.84
N SER D 168 -11.98 -14.52 3.78
CA SER D 168 -10.86 -15.45 3.85
C SER D 168 -9.85 -15.08 2.78
N SER D 169 -8.65 -15.64 2.91
CA SER D 169 -7.59 -15.38 1.94
C SER D 169 -8.03 -15.86 0.55
N THR D 170 -7.85 -15.00 -0.44
CA THR D 170 -8.30 -15.27 -1.79
C THR D 170 -7.19 -14.85 -2.75
N THR D 171 -7.19 -15.48 -3.93
CA THR D 171 -6.21 -15.11 -4.95
C THR D 171 -6.32 -13.64 -5.33
N SER D 172 -7.52 -13.07 -5.22
CA SER D 172 -7.71 -11.66 -5.58
C SER D 172 -6.93 -10.73 -4.66
N THR D 173 -6.98 -10.97 -3.36
CA THR D 173 -6.38 -10.07 -2.39
C THR D 173 -4.86 -10.13 -2.46
N GLY D 174 -4.23 -9.02 -2.10
CA GLY D 174 -2.79 -8.91 -2.08
C GLY D 174 -2.36 -7.54 -1.60
N PRO D 175 -1.06 -7.29 -1.55
CA PRO D 175 -0.58 -5.96 -1.16
C PRO D 175 -0.90 -4.91 -2.21
N CYS D 176 -0.59 -3.64 -1.94
CA CYS D 176 -0.81 -2.63 -2.96
C CYS D 176 0.10 -2.83 -4.16
N ARG D 177 1.20 -3.56 -3.99
CA ARG D 177 2.08 -3.84 -5.12
C ARG D 177 1.38 -4.73 -6.15
N THR D 178 0.34 -5.46 -5.75
CA THR D 178 -0.46 -6.21 -6.70
C THR D 178 -1.20 -5.30 -7.66
N CYS D 179 -1.26 -4.00 -7.35
CA CYS D 179 -1.98 -3.01 -8.13
C CYS D 179 -1.12 -2.39 -9.24
N MET D 180 -0.14 -3.14 -9.75
CA MET D 180 0.77 -2.60 -10.75
C MET D 180 0.01 -2.07 -11.95
N THR D 181 0.33 -0.86 -12.35
CA THR D 181 -0.16 -0.27 -13.58
C THR D 181 1.02 0.31 -14.35
N THR D 182 0.85 0.46 -15.66
CA THR D 182 1.95 0.84 -16.53
C THR D 182 2.48 2.23 -16.18
N ALA D 183 3.79 2.40 -16.33
CA ALA D 183 4.40 3.71 -16.12
C ALA D 183 3.87 4.73 -17.13
N GLN D 184 3.74 4.31 -18.39
CA GLN D 184 3.18 5.19 -19.41
C GLN D 184 1.70 5.44 -19.17
N GLY D 185 1.00 4.49 -18.56
CA GLY D 185 -0.42 4.61 -18.31
C GLY D 185 -0.82 5.82 -17.51
N THR D 186 -1.80 6.56 -18.01
CA THR D 186 -2.28 7.78 -17.36
C THR D 186 -3.76 7.68 -17.01
N SER D 187 -4.23 6.47 -16.70
CA SER D 187 -5.64 6.25 -16.40
C SER D 187 -6.03 6.93 -15.10
N MET D 188 -7.20 7.57 -15.11
CA MET D 188 -7.74 8.23 -13.92
C MET D 188 -8.42 7.26 -12.96
N TYR D 189 -8.65 6.02 -13.38
CA TYR D 189 -9.41 5.09 -12.57
C TYR D 189 -8.49 4.34 -11.62
N PRO D 190 -8.84 4.25 -10.33
CA PRO D 190 -8.03 3.43 -9.42
C PRO D 190 -8.04 1.97 -9.85
N SER D 191 -6.89 1.32 -9.71
CA SER D 191 -6.78 -0.08 -10.12
C SER D 191 -7.40 -1.03 -9.09
N CYS D 192 -7.27 -0.73 -7.80
CA CYS D 192 -7.74 -1.63 -6.76
C CYS D 192 -8.60 -0.86 -5.76
N CYS D 193 -9.18 -1.62 -4.84
CA CYS D 193 -9.81 -1.10 -3.64
C CYS D 193 -9.08 -1.71 -2.46
N CYS D 194 -8.60 -0.87 -1.55
CA CYS D 194 -7.71 -1.34 -0.50
C CYS D 194 -8.23 -0.92 0.88
N THR D 195 -7.90 -1.73 1.87
CA THR D 195 -8.10 -1.39 3.27
C THR D 195 -6.80 -1.66 4.02
N LYS D 196 -6.43 -0.74 4.90
CA LYS D 196 -5.24 -0.92 5.74
C LYS D 196 -5.69 -1.01 7.18
N PRO D 197 -5.76 -2.20 7.75
CA PRO D 197 -6.09 -2.30 9.18
C PRO D 197 -5.03 -1.65 10.04
N SER D 198 -5.46 -1.10 11.17
CA SER D 198 -4.52 -0.72 12.21
C SER D 198 -3.83 -1.94 12.77
N ASP D 199 -4.32 -3.12 12.41
CA ASP D 199 -3.92 -4.37 13.02
C ASP D 199 -2.92 -5.12 12.16
N GLY D 200 -2.86 -4.82 10.87
CA GLY D 200 -2.04 -5.56 9.93
C GLY D 200 -1.67 -4.77 8.70
N ASN D 201 -1.59 -5.46 7.57
CA ASN D 201 -1.02 -4.92 6.34
C ASN D 201 -2.09 -4.47 5.37
N CYS D 202 -1.66 -3.70 4.38
CA CYS D 202 -2.56 -3.19 3.34
C CYS D 202 -3.06 -4.35 2.48
N THR D 203 -4.38 -4.50 2.40
CA THR D 203 -5.03 -5.56 1.63
C THR D 203 -5.78 -4.91 0.48
N CYS D 204 -5.46 -5.32 -0.74
CA CYS D 204 -6.03 -4.73 -1.95
C CYS D 204 -6.69 -5.79 -2.81
N ILE D 205 -7.89 -5.49 -3.28
CA ILE D 205 -8.63 -6.36 -4.19
C ILE D 205 -8.90 -5.58 -5.47
N PRO D 206 -8.59 -6.14 -6.64
CA PRO D 206 -8.79 -5.38 -7.88
C PRO D 206 -10.25 -5.15 -8.19
N ILE D 207 -10.54 -4.01 -8.80
CA ILE D 207 -11.91 -3.73 -9.26
C ILE D 207 -12.22 -4.60 -10.47
N PRO D 208 -13.41 -5.20 -10.56
CA PRO D 208 -13.75 -6.00 -11.74
C PRO D 208 -13.67 -5.17 -13.01
N SER D 209 -13.16 -5.80 -14.08
CA SER D 209 -13.01 -5.10 -15.34
C SER D 209 -14.35 -4.82 -16.01
N SER D 210 -15.34 -5.68 -15.78
CA SER D 210 -16.67 -5.48 -16.33
C SER D 210 -17.71 -5.82 -15.28
N TRP D 211 -18.87 -5.16 -15.39
CA TRP D 211 -19.98 -5.37 -14.47
C TRP D 211 -19.56 -5.20 -13.02
N ALA D 212 -18.74 -4.17 -12.75
CA ALA D 212 -18.26 -3.94 -11.40
C ALA D 212 -19.41 -3.61 -10.46
N PHE D 213 -20.34 -2.77 -10.91
CA PHE D 213 -21.48 -2.39 -10.07
C PHE D 213 -22.43 -3.56 -9.85
N GLY D 214 -22.73 -4.31 -10.92
CA GLY D 214 -23.58 -5.49 -10.76
C GLY D 214 -22.94 -6.55 -9.89
N LYS D 215 -21.64 -6.77 -10.07
CA LYS D 215 -20.93 -7.73 -9.23
C LYS D 215 -20.93 -7.29 -7.78
N PHE D 216 -20.75 -5.99 -7.52
CA PHE D 216 -20.83 -5.50 -6.16
C PHE D 216 -22.21 -5.71 -5.57
N LEU D 217 -23.26 -5.44 -6.36
CA LEU D 217 -24.62 -5.65 -5.86
C LEU D 217 -24.86 -7.11 -5.52
N TRP D 218 -24.36 -8.01 -6.37
CA TRP D 218 -24.51 -9.44 -6.09
C TRP D 218 -23.77 -9.84 -4.82
N GLU D 219 -22.54 -9.35 -4.65
CA GLU D 219 -21.77 -9.66 -3.45
C GLU D 219 -22.46 -9.11 -2.20
N TRP D 220 -22.95 -7.87 -2.28
CA TRP D 220 -23.60 -7.25 -1.14
C TRP D 220 -24.89 -7.97 -0.78
N ALA D 221 -25.67 -8.38 -1.78
CA ALA D 221 -26.89 -9.14 -1.50
C ALA D 221 -26.57 -10.50 -0.90
N SER D 222 -25.54 -11.17 -1.43
CA SER D 222 -25.17 -12.48 -0.89
C SER D 222 -24.71 -12.36 0.56
N ALA D 223 -23.91 -11.34 0.87
CA ALA D 223 -23.40 -11.19 2.22
C ALA D 223 -24.51 -10.77 3.19
N ARG D 224 -25.32 -9.78 2.81
CA ARG D 224 -26.37 -9.30 3.70
C ARG D 224 -27.47 -10.34 3.88
N PHE D 225 -27.88 -10.99 2.78
CA PHE D 225 -28.90 -12.02 2.85
C PHE D 225 -28.27 -13.42 2.77
N GLN E 1 -6.13 -28.01 6.15
CA GLN E 1 -5.29 -27.36 7.15
C GLN E 1 -3.88 -27.12 6.63
N VAL E 2 -3.40 -25.88 6.76
CA VAL E 2 -2.06 -25.54 6.33
C VAL E 2 -1.05 -26.13 7.29
N GLN E 3 -0.05 -26.83 6.75
CA GLN E 3 0.99 -27.48 7.54
C GLN E 3 2.33 -26.91 7.12
N LEU E 4 2.96 -26.16 8.02
CA LEU E 4 4.28 -25.62 7.78
C LEU E 4 5.34 -26.53 8.37
N GLN E 5 6.40 -26.79 7.62
CA GLN E 5 7.46 -27.66 8.09
C GLN E 5 8.80 -27.03 7.79
N GLU E 6 9.60 -26.81 8.83
CA GLU E 6 10.92 -26.21 8.67
C GLU E 6 11.95 -27.27 8.29
N SER E 7 13.02 -26.80 7.65
CA SER E 7 14.12 -27.66 7.22
C SER E 7 15.37 -26.82 7.12
N GLY E 8 16.52 -27.47 7.29
CA GLY E 8 17.79 -26.80 7.23
C GLY E 8 18.77 -27.37 8.24
N PRO E 9 19.98 -26.82 8.26
CA PRO E 9 21.01 -27.32 9.18
C PRO E 9 20.77 -26.86 10.61
N GLY E 10 21.46 -27.53 11.53
CA GLY E 10 21.43 -27.14 12.92
C GLY E 10 22.81 -26.85 13.46
N LEU E 11 23.81 -26.91 12.59
CA LEU E 11 25.21 -26.71 12.95
C LEU E 11 25.84 -25.64 12.06
N VAL E 12 25.15 -24.52 11.92
CA VAL E 12 25.67 -23.40 11.12
C VAL E 12 26.89 -22.84 11.82
N ARG E 13 28.01 -22.80 11.11
CA ARG E 13 29.25 -22.31 11.70
C ARG E 13 29.18 -20.79 11.88
N PRO E 14 29.95 -20.24 12.82
CA PRO E 14 29.97 -18.78 12.99
C PRO E 14 30.51 -18.10 11.75
N SER E 15 30.06 -16.86 11.55
CA SER E 15 30.45 -16.05 10.39
C SER E 15 30.11 -16.75 9.08
N GLU E 16 28.95 -17.40 9.05
CA GLU E 16 28.48 -18.11 7.86
C GLU E 16 27.01 -17.78 7.63
N THR E 17 26.56 -17.98 6.40
CA THR E 17 25.17 -17.71 6.06
C THR E 17 24.28 -18.82 6.59
N LEU E 18 23.23 -18.42 7.32
CA LEU E 18 22.25 -19.34 7.87
C LEU E 18 21.10 -19.47 6.88
N SER E 19 20.89 -20.67 6.35
CA SER E 19 19.85 -20.92 5.36
C SER E 19 18.79 -21.83 5.95
N LEU E 20 17.53 -21.41 5.88
CA LEU E 20 16.41 -22.19 6.36
C LEU E 20 15.30 -22.19 5.32
N THR E 21 14.54 -23.29 5.29
CA THR E 21 13.44 -23.45 4.36
C THR E 21 12.20 -23.82 5.15
N CYS E 22 11.04 -23.40 4.64
CA CYS E 22 9.76 -23.73 5.23
C CYS E 22 8.83 -24.20 4.12
N THR E 23 8.53 -25.49 4.10
CA THR E 23 7.65 -26.07 3.10
C THR E 23 6.21 -26.02 3.63
N VAL E 24 5.31 -25.45 2.84
CA VAL E 24 3.91 -25.29 3.23
C VAL E 24 3.09 -26.29 2.42
N SER E 25 2.53 -27.28 3.12
CA SER E 25 1.68 -28.29 2.50
C SER E 25 0.23 -28.05 2.91
N GLY E 26 -0.68 -28.60 2.12
CA GLY E 26 -2.09 -28.42 2.40
C GLY E 26 -2.61 -27.03 2.11
N GLY E 27 -1.91 -26.27 1.28
CA GLY E 27 -2.34 -24.92 0.97
C GLY E 27 -1.41 -24.28 -0.04
N SER E 28 -1.59 -22.97 -0.21
CA SER E 28 -0.78 -22.19 -1.15
C SER E 28 0.01 -21.17 -0.37
N ILE E 29 1.33 -21.11 -0.63
CA ILE E 29 2.18 -20.14 0.04
C ILE E 29 1.97 -18.72 -0.48
N SER E 30 1.28 -18.56 -1.60
CA SER E 30 0.86 -17.25 -2.05
C SER E 30 -0.37 -16.82 -1.26
N ASN E 31 -0.88 -15.63 -1.59
CA ASN E 31 -2.16 -15.14 -1.10
C ASN E 31 -2.13 -14.83 0.40
N ASP E 32 -0.99 -15.07 1.05
CA ASP E 32 -0.84 -14.85 2.48
C ASP E 32 0.50 -14.18 2.76
N TYR E 33 0.54 -13.48 3.89
CA TYR E 33 1.80 -12.97 4.43
C TYR E 33 2.42 -14.04 5.32
N TRP E 34 3.73 -14.20 5.20
CA TRP E 34 4.45 -15.22 5.95
C TRP E 34 5.64 -14.57 6.65
N SER E 35 5.81 -14.86 7.93
CA SER E 35 6.86 -14.27 8.73
C SER E 35 7.81 -15.35 9.24
N TRP E 36 9.03 -14.94 9.52
CA TRP E 36 10.00 -15.72 10.27
C TRP E 36 10.17 -15.07 11.62
N ILE E 37 10.03 -15.88 12.68
CA ILE E 37 10.18 -15.45 14.06
C ILE E 37 11.16 -16.40 14.73
N ARG E 38 12.14 -15.85 15.43
CA ARG E 38 13.12 -16.68 16.12
C ARG E 38 12.99 -16.52 17.62
N GLN E 39 13.30 -17.59 18.34
CA GLN E 39 13.28 -17.61 19.80
C GLN E 39 14.57 -18.24 20.29
N PRO E 40 15.48 -17.47 20.89
CA PRO E 40 16.67 -18.08 21.48
C PRO E 40 16.28 -19.01 22.60
N PRO E 41 17.04 -20.09 22.79
CA PRO E 41 16.67 -21.08 23.83
C PRO E 41 16.67 -20.44 25.22
N GLY E 42 15.50 -20.49 25.86
CA GLY E 42 15.32 -19.87 27.15
C GLY E 42 15.01 -18.39 27.12
N LYS E 43 14.84 -17.80 25.94
CA LYS E 43 14.55 -16.39 25.78
C LYS E 43 13.21 -16.21 25.08
N GLY E 44 12.81 -14.94 24.90
CA GLY E 44 11.54 -14.64 24.30
C GLY E 44 11.57 -14.64 22.78
N LEU E 45 10.38 -14.55 22.20
CA LEU E 45 10.25 -14.58 20.74
C LEU E 45 10.78 -13.28 20.14
N GLU E 46 11.41 -13.39 18.97
CA GLU E 46 11.97 -12.24 18.28
C GLU E 46 11.60 -12.34 16.82
N TRP E 47 10.81 -11.39 16.33
CA TRP E 47 10.30 -11.42 14.97
C TRP E 47 11.39 -11.01 14.00
N ILE E 48 11.68 -11.88 13.04
CA ILE E 48 12.72 -11.62 12.04
C ILE E 48 12.17 -10.83 10.86
N GLY E 49 11.10 -11.30 10.25
CA GLY E 49 10.54 -10.52 9.16
C GLY E 49 9.44 -11.17 8.35
N GLN E 50 8.68 -10.37 7.61
CA GLN E 50 7.53 -10.83 6.86
C GLN E 50 7.76 -10.67 5.37
N ILE E 51 6.96 -11.39 4.59
CA ILE E 51 7.01 -11.30 3.13
C ILE E 51 5.67 -11.76 2.57
N HIS E 52 5.28 -11.15 1.45
CA HIS E 52 4.13 -11.60 0.69
C HIS E 52 4.60 -12.02 -0.70
N SER E 53 3.94 -13.01 -1.27
CA SER E 53 4.32 -13.50 -2.60
C SER E 53 4.17 -12.40 -3.65
N LYS E 54 3.07 -11.64 -3.58
CA LYS E 54 2.79 -10.58 -4.54
C LYS E 54 3.14 -9.20 -3.98
N GLY E 55 4.10 -9.12 -3.09
CA GLY E 55 4.44 -7.83 -2.51
C GLY E 55 5.89 -7.79 -2.09
N ASP E 56 6.18 -6.85 -1.20
CA ASP E 56 7.53 -6.65 -0.70
C ASP E 56 7.71 -7.38 0.63
N THR E 57 8.91 -7.25 1.19
CA THR E 57 9.26 -7.90 2.45
C THR E 57 9.70 -6.87 3.46
N ASN E 58 9.30 -7.08 4.71
CA ASN E 58 9.62 -6.18 5.82
C ASN E 58 10.55 -6.91 6.77
N TYR E 59 11.59 -6.22 7.25
CA TYR E 59 12.60 -6.82 8.09
C TYR E 59 12.69 -6.11 9.42
N ASN E 60 13.15 -6.84 10.42
CA ASN E 60 13.40 -6.25 11.73
C ASN E 60 14.67 -5.41 11.68
N PRO E 61 14.62 -4.13 12.03
CA PRO E 61 15.84 -3.32 11.99
C PRO E 61 16.93 -3.79 12.94
N SER E 62 16.58 -4.56 13.97
CA SER E 62 17.57 -5.06 14.90
C SER E 62 18.53 -6.06 14.26
N LEU E 63 18.19 -6.57 13.07
CA LEU E 63 19.04 -7.49 12.34
C LEU E 63 20.04 -6.77 11.43
N LYS E 64 19.94 -5.44 11.32
CA LYS E 64 20.91 -4.63 10.58
C LYS E 64 21.00 -5.07 9.11
N SER E 65 19.85 -5.41 8.53
CA SER E 65 19.74 -5.68 7.09
C SER E 65 20.66 -6.81 6.63
N ARG E 66 20.91 -7.78 7.49
CA ARG E 66 21.67 -8.97 7.10
C ARG E 66 20.77 -10.18 6.90
N VAL E 67 19.47 -9.96 6.74
CA VAL E 67 18.48 -11.03 6.62
C VAL E 67 17.70 -10.83 5.33
N THR E 68 17.55 -11.90 4.56
CA THR E 68 16.78 -11.90 3.32
C THR E 68 15.75 -13.02 3.37
N ILE E 69 14.50 -12.68 3.08
CA ILE E 69 13.40 -13.65 3.07
C ILE E 69 12.84 -13.70 1.66
N SER E 70 12.57 -14.90 1.17
CA SER E 70 12.09 -15.09 -0.19
C SER E 70 10.99 -16.14 -0.21
N VAL E 71 10.18 -16.11 -1.26
CA VAL E 71 9.09 -17.05 -1.45
C VAL E 71 9.26 -17.74 -2.80
N ASP E 72 9.17 -19.06 -2.80
CA ASP E 72 9.21 -19.88 -4.01
C ASP E 72 7.82 -20.47 -4.19
N THR E 73 6.99 -19.82 -5.01
CA THR E 73 5.62 -20.27 -5.20
C THR E 73 5.56 -21.61 -5.92
N SER E 74 6.56 -21.92 -6.76
CA SER E 74 6.57 -23.20 -7.44
C SER E 74 6.70 -24.35 -6.46
N LYS E 75 7.54 -24.20 -5.44
CA LYS E 75 7.75 -25.23 -4.44
C LYS E 75 6.95 -25.00 -3.16
N ASN E 76 6.16 -23.93 -3.09
CA ASN E 76 5.46 -23.55 -1.86
C ASN E 76 6.44 -23.41 -0.71
N GLN E 77 7.57 -22.77 -0.97
CA GLN E 77 8.68 -22.71 -0.03
C GLN E 77 8.89 -21.29 0.46
N LEU E 78 9.35 -21.17 1.69
CA LEU E 78 9.65 -19.89 2.32
C LEU E 78 11.09 -19.95 2.81
N SER E 79 11.97 -19.18 2.20
CA SER E 79 13.40 -19.26 2.45
C SER E 79 13.87 -18.09 3.28
N LEU E 80 14.73 -18.38 4.26
CA LEU E 80 15.32 -17.38 5.14
C LEU E 80 16.84 -17.49 5.07
N LYS E 81 17.50 -16.34 4.91
CA LYS E 81 18.95 -16.26 4.84
C LYS E 81 19.41 -15.21 5.84
N VAL E 82 20.04 -15.64 6.92
CA VAL E 82 20.59 -14.74 7.93
C VAL E 82 22.11 -14.76 7.75
N ARG E 83 22.64 -13.70 7.14
CA ARG E 83 24.06 -13.65 6.84
C ARG E 83 24.87 -13.19 8.04
N SER E 84 26.09 -13.72 8.15
CA SER E 84 27.05 -13.34 9.19
C SER E 84 26.47 -13.57 10.59
N VAL E 85 26.22 -14.83 10.89
CA VAL E 85 25.63 -15.20 12.18
C VAL E 85 26.72 -15.23 13.24
N THR E 86 26.32 -14.96 14.47
CA THR E 86 27.17 -15.08 15.65
C THR E 86 26.54 -16.08 16.61
N ALA E 87 27.13 -16.21 17.79
CA ALA E 87 26.59 -17.12 18.80
C ALA E 87 25.19 -16.69 19.25
N ALA E 88 24.82 -15.42 19.04
CA ALA E 88 23.50 -14.95 19.39
C ALA E 88 22.41 -15.45 18.46
N ASP E 89 22.78 -15.99 17.29
CA ASP E 89 21.80 -16.48 16.33
C ASP E 89 21.35 -17.91 16.61
N THR E 90 21.89 -18.56 17.64
CA THR E 90 21.42 -19.87 18.06
C THR E 90 20.00 -19.73 18.58
N ALA E 91 19.03 -20.26 17.84
CA ALA E 91 17.63 -20.05 18.18
C ALA E 91 16.77 -21.07 17.46
N VAL E 92 15.53 -21.18 17.92
CA VAL E 92 14.51 -21.97 17.22
C VAL E 92 13.75 -21.02 16.29
N TYR E 93 13.74 -21.33 15.00
CA TYR E 93 13.11 -20.49 14.00
C TYR E 93 11.77 -21.08 13.60
N TYR E 94 10.75 -20.23 13.52
CA TYR E 94 9.40 -20.60 13.14
C TYR E 94 9.01 -19.80 11.91
N CYS E 95 8.43 -20.48 10.92
CA CYS E 95 7.72 -19.81 9.84
C CYS E 95 6.24 -19.78 10.23
N ALA E 96 5.64 -18.62 10.12
CA ALA E 96 4.28 -18.41 10.62
C ALA E 96 3.45 -17.71 9.56
N ARG E 97 2.25 -18.22 9.32
CA ARG E 97 1.33 -17.62 8.38
C ARG E 97 0.55 -16.52 9.10
N HIS E 98 0.41 -15.38 8.44
CA HIS E 98 -0.25 -14.23 9.05
C HIS E 98 -1.76 -14.43 9.05
N LEU E 99 -2.39 -14.02 10.15
CA LEU E 99 -3.84 -14.08 10.25
C LEU E 99 -4.49 -13.20 9.19
N TYR E 100 -5.62 -13.66 8.66
CA TYR E 100 -6.43 -12.89 7.73
C TYR E 100 -7.84 -12.80 8.30
N ARG E 101 -8.25 -11.60 8.70
CA ARG E 101 -9.61 -11.33 9.16
C ARG E 101 -10.08 -10.07 8.45
N TYR E 102 -10.69 -10.25 7.27
CA TYR E 102 -11.15 -9.14 6.45
C TYR E 102 -10.00 -8.18 6.16
N GLY E 103 -8.84 -8.73 5.89
CA GLY E 103 -7.63 -7.98 5.66
C GLY E 103 -6.44 -8.71 6.26
N TYR E 104 -5.26 -8.40 5.74
CA TYR E 104 -4.04 -9.03 6.24
C TYR E 104 -3.72 -8.48 7.64
N ARG E 105 -3.48 -9.39 8.58
CA ARG E 105 -3.17 -9.03 9.95
C ARG E 105 -1.75 -9.45 10.28
N ASN E 106 -1.15 -8.75 11.23
CA ASN E 106 0.21 -9.04 11.67
C ASN E 106 0.25 -10.08 12.79
N TYR E 107 -0.71 -10.98 12.80
CA TYR E 107 -0.76 -12.01 13.80
C TYR E 107 -0.39 -13.29 13.13
N PHE E 108 0.05 -14.28 13.88
CA PHE E 108 0.53 -15.55 13.35
C PHE E 108 -0.38 -16.66 13.86
N ASP E 109 -1.30 -17.10 13.01
CA ASP E 109 -2.28 -18.12 13.42
C ASP E 109 -1.75 -19.54 13.27
N TYR E 110 -1.10 -19.84 12.16
CA TYR E 110 -0.45 -21.14 11.94
C TYR E 110 1.05 -20.97 12.04
N TRP E 111 1.69 -21.85 12.83
CA TRP E 111 3.11 -21.80 13.06
C TRP E 111 3.75 -23.10 12.58
N GLY E 112 5.01 -23.00 12.16
CA GLY E 112 5.76 -24.19 11.85
C GLY E 112 6.19 -24.90 13.11
N GLN E 113 6.67 -26.14 12.93
CA GLN E 113 7.11 -26.92 14.08
C GLN E 113 8.32 -26.31 14.76
N GLY E 114 9.08 -25.48 14.06
CA GLY E 114 10.23 -24.81 14.64
C GLY E 114 11.50 -25.63 14.51
N ASN E 115 12.52 -25.06 13.88
CA ASN E 115 13.79 -25.74 13.69
C ASN E 115 14.87 -25.02 14.49
N LEU E 116 15.59 -25.76 15.32
CA LEU E 116 16.61 -25.18 16.17
C LEU E 116 17.94 -25.16 15.41
N VAL E 117 18.52 -23.98 15.28
CA VAL E 117 19.81 -23.78 14.63
C VAL E 117 20.81 -23.33 15.69
N THR E 118 21.91 -24.04 15.80
CA THR E 118 22.96 -23.74 16.76
C THR E 118 24.18 -23.19 16.02
N VAL E 119 24.68 -22.06 16.48
CA VAL E 119 25.86 -21.43 15.90
C VAL E 119 27.02 -21.63 16.86
N SER E 120 28.00 -22.42 16.44
CA SER E 120 29.15 -22.73 17.29
C SER E 120 30.32 -23.23 16.46
N ASP F 1 10.52 0.71 17.49
CA ASP F 1 10.43 -0.45 18.37
C ASP F 1 9.53 -0.15 19.56
N ILE F 2 8.39 -0.83 19.63
CA ILE F 2 7.45 -0.67 20.75
C ILE F 2 7.81 -1.70 21.81
N GLN F 3 8.29 -1.22 22.96
CA GLN F 3 8.61 -2.12 24.06
C GLN F 3 7.35 -2.73 24.62
N MET F 4 7.36 -4.05 24.81
CA MET F 4 6.19 -4.79 25.25
C MET F 4 6.55 -5.46 26.57
N THR F 5 6.02 -4.93 27.67
CA THR F 5 6.35 -5.40 29.02
C THR F 5 5.24 -6.31 29.52
N GLN F 6 5.62 -7.32 30.28
CA GLN F 6 4.68 -8.30 30.80
C GLN F 6 4.79 -8.42 32.31
N SER F 7 3.68 -8.74 32.95
CA SER F 7 3.60 -8.80 34.39
C SER F 7 2.64 -9.87 34.86
N PRO F 8 3.03 -10.75 35.78
CA PRO F 8 4.41 -10.85 36.26
C PRO F 8 5.23 -11.80 35.39
N SER F 9 6.51 -11.96 35.70
CA SER F 9 7.33 -12.90 34.94
C SER F 9 6.90 -14.35 35.16
N SER F 10 6.18 -14.62 36.26
CA SER F 10 5.72 -15.97 36.55
C SER F 10 4.50 -15.89 37.46
N VAL F 11 3.51 -16.74 37.18
CA VAL F 11 2.29 -16.80 37.98
C VAL F 11 2.19 -18.20 38.57
N SER F 12 2.06 -18.28 39.89
CA SER F 12 1.88 -19.54 40.59
C SER F 12 0.38 -19.72 40.84
N ALA F 13 -0.25 -20.57 40.03
CA ALA F 13 -1.69 -20.78 40.12
C ALA F 13 -1.99 -22.27 40.05
N SER F 14 -3.13 -22.65 40.61
CA SER F 14 -3.59 -24.02 40.64
C SER F 14 -4.79 -24.17 39.69
N VAL F 15 -5.36 -25.37 39.67
CA VAL F 15 -6.47 -25.66 38.78
C VAL F 15 -7.73 -24.95 39.28
N GLY F 16 -8.40 -24.25 38.36
CA GLY F 16 -9.63 -23.55 38.70
C GLY F 16 -9.40 -22.24 39.41
N ASP F 17 -8.53 -21.40 38.85
CA ASP F 17 -8.22 -20.10 39.42
C ASP F 17 -8.35 -19.02 38.36
N ARG F 18 -8.73 -17.83 38.80
CA ARG F 18 -8.81 -16.65 37.92
C ARG F 18 -7.40 -16.11 37.73
N VAL F 19 -6.79 -16.44 36.59
CA VAL F 19 -5.41 -16.08 36.33
C VAL F 19 -5.38 -14.86 35.41
N THR F 20 -4.58 -13.87 35.77
CA THR F 20 -4.46 -12.64 34.99
C THR F 20 -3.01 -12.43 34.58
N ILE F 21 -2.82 -12.00 33.33
CA ILE F 21 -1.52 -11.67 32.80
C ILE F 21 -1.62 -10.28 32.18
N ALA F 22 -0.75 -9.37 32.61
CA ALA F 22 -0.80 -7.99 32.16
C ALA F 22 0.28 -7.74 31.12
N CYS F 23 -0.05 -6.97 30.10
CA CYS F 23 0.90 -6.51 29.11
C CYS F 23 0.76 -5.00 28.96
N ARG F 24 1.88 -4.35 28.69
CA ARG F 24 1.93 -2.90 28.58
C ARG F 24 2.77 -2.52 27.36
N ALA F 25 2.26 -1.58 26.58
CA ALA F 25 2.94 -1.08 25.41
C ALA F 25 3.65 0.23 25.74
N SER F 26 4.85 0.41 25.18
CA SER F 26 5.57 1.66 25.39
C SER F 26 4.78 2.83 24.84
N GLN F 27 4.13 2.65 23.70
CA GLN F 27 3.21 3.63 23.15
C GLN F 27 1.93 2.93 22.71
N GLY F 28 0.83 3.68 22.68
CA GLY F 28 -0.46 3.11 22.35
C GLY F 28 -0.47 2.38 21.03
N ILE F 29 -0.97 1.15 21.02
CA ILE F 29 -0.96 0.30 19.83
C ILE F 29 -2.35 0.15 19.24
N SER F 30 -3.30 1.01 19.64
CA SER F 30 -4.64 1.04 19.04
C SER F 30 -5.32 -0.32 19.06
N SER F 31 -5.20 -1.01 20.20
CA SER F 31 -5.80 -2.32 20.41
C SER F 31 -5.34 -3.33 19.34
N GLY F 32 -4.07 -3.23 18.97
CA GLY F 32 -3.48 -4.14 18.01
C GLY F 32 -2.61 -5.18 18.67
N LEU F 33 -3.09 -5.74 19.78
CA LEU F 33 -2.33 -6.69 20.58
C LEU F 33 -2.92 -8.08 20.45
N ALA F 34 -2.03 -9.07 20.53
CA ALA F 34 -2.40 -10.48 20.48
C ALA F 34 -1.77 -11.22 21.65
N TRP F 35 -2.44 -12.29 22.06
CA TRP F 35 -1.96 -13.18 23.10
C TRP F 35 -1.73 -14.56 22.49
N TYR F 36 -0.51 -15.09 22.69
CA TYR F 36 -0.09 -16.39 22.23
C TYR F 36 0.25 -17.28 23.42
N GLN F 37 -0.04 -18.56 23.28
CA GLN F 37 0.29 -19.56 24.29
C GLN F 37 1.33 -20.52 23.71
N GLN F 38 2.43 -20.70 24.42
CA GLN F 38 3.51 -21.56 23.99
C GLN F 38 3.84 -22.56 25.09
N LYS F 39 3.80 -23.83 24.74
CA LYS F 39 4.15 -24.93 25.64
C LYS F 39 5.59 -25.36 25.39
N PRO F 40 6.23 -25.97 26.39
CA PRO F 40 7.65 -26.34 26.23
C PRO F 40 7.86 -27.27 25.04
N GLY F 41 8.75 -26.85 24.14
CA GLY F 41 9.05 -27.64 22.97
C GLY F 41 8.02 -27.58 21.86
N LYS F 42 7.14 -26.58 21.89
CA LYS F 42 6.08 -26.45 20.89
C LYS F 42 6.01 -25.01 20.40
N ALA F 43 5.44 -24.83 19.22
CA ALA F 43 5.27 -23.51 18.66
C ALA F 43 4.16 -22.76 19.39
N PRO F 44 4.25 -21.43 19.46
CA PRO F 44 3.18 -20.65 20.08
C PRO F 44 1.86 -20.82 19.34
N LYS F 45 0.77 -20.73 20.11
CA LYS F 45 -0.58 -20.84 19.58
C LYS F 45 -1.30 -19.51 19.77
N LEU F 46 -1.79 -18.93 18.69
CA LEU F 46 -2.48 -17.65 18.75
C LEU F 46 -3.78 -17.83 19.53
N LEU F 47 -3.84 -17.25 20.73
CA LEU F 47 -5.03 -17.33 21.56
C LEU F 47 -6.02 -16.23 21.25
N ILE F 48 -5.55 -14.98 21.25
CA ILE F 48 -6.43 -13.82 21.08
C ILE F 48 -5.76 -12.85 20.12
N HIS F 49 -6.55 -12.25 19.23
CA HIS F 49 -6.04 -11.22 18.34
C HIS F 49 -6.89 -9.96 18.50
N ALA F 50 -6.27 -8.82 18.21
CA ALA F 50 -6.87 -7.50 18.40
C ALA F 50 -7.22 -7.21 19.85
N ALA F 51 -6.60 -7.95 20.77
CA ALA F 51 -6.65 -7.70 22.21
C ALA F 51 -7.99 -8.09 22.83
N SER F 52 -8.99 -8.39 22.00
CA SER F 52 -10.26 -8.87 22.52
C SER F 52 -10.90 -10.00 21.73
N SER F 53 -10.47 -10.26 20.49
CA SER F 53 -11.13 -11.24 19.64
C SER F 53 -10.49 -12.61 19.88
N LEU F 54 -11.28 -13.53 20.44
CA LEU F 54 -10.80 -14.88 20.67
C LEU F 54 -10.61 -15.61 19.35
N GLN F 55 -9.59 -16.47 19.31
CA GLN F 55 -9.30 -17.23 18.11
C GLN F 55 -10.28 -18.39 17.97
N SER F 56 -10.52 -18.78 16.72
CA SER F 56 -11.42 -19.89 16.44
C SER F 56 -10.81 -21.19 16.93
N GLY F 57 -11.58 -21.96 17.69
CA GLY F 57 -11.12 -23.18 18.29
C GLY F 57 -10.51 -23.02 19.67
N VAL F 58 -10.15 -21.80 20.06
CA VAL F 58 -9.64 -21.55 21.41
C VAL F 58 -10.78 -21.63 22.40
N PRO F 59 -10.61 -22.29 23.55
CA PRO F 59 -11.69 -22.34 24.54
C PRO F 59 -12.08 -20.95 25.02
N SER F 60 -13.36 -20.79 25.31
CA SER F 60 -13.91 -19.48 25.65
C SER F 60 -13.48 -18.98 27.01
N ARG F 61 -12.80 -19.81 27.82
CA ARG F 61 -12.32 -19.37 29.11
C ARG F 61 -11.26 -18.28 29.02
N PHE F 62 -10.64 -18.11 27.87
CA PHE F 62 -9.68 -17.03 27.67
C PHE F 62 -10.40 -15.76 27.26
N SER F 63 -9.98 -14.64 27.83
CA SER F 63 -10.58 -13.35 27.50
C SER F 63 -9.48 -12.29 27.46
N GLY F 64 -9.72 -11.26 26.65
CA GLY F 64 -8.78 -10.17 26.53
C GLY F 64 -9.42 -8.81 26.75
N SER F 65 -8.85 -8.02 27.66
CA SER F 65 -9.33 -6.68 27.94
C SER F 65 -8.26 -5.67 27.57
N GLU F 66 -8.69 -4.49 27.16
CA GLU F 66 -7.80 -3.47 26.60
C GLU F 66 -8.02 -2.13 27.29
N SER F 67 -8.06 -2.15 28.63
CA SER F 67 -8.26 -0.93 29.41
C SER F 67 -7.05 -0.01 29.23
N GLY F 68 -7.21 1.03 28.43
CA GLY F 68 -6.10 1.92 28.15
C GLY F 68 -5.01 1.22 27.36
N THR F 69 -3.77 1.66 27.59
CA THR F 69 -2.61 0.99 27.01
C THR F 69 -2.25 -0.29 27.74
N GLU F 70 -2.91 -0.58 28.85
CA GLU F 70 -2.66 -1.78 29.65
C GLU F 70 -3.63 -2.87 29.21
N PHE F 71 -3.11 -3.91 28.56
CA PHE F 71 -3.90 -5.04 28.11
C PHE F 71 -3.80 -6.18 29.11
N THR F 72 -4.82 -7.03 29.12
CA THR F 72 -4.89 -8.10 30.10
C THR F 72 -5.46 -9.36 29.46
N LEU F 73 -4.81 -10.49 29.71
CA LEU F 73 -5.33 -11.80 29.38
C LEU F 73 -5.86 -12.44 30.65
N THR F 74 -7.06 -12.98 30.58
CA THR F 74 -7.73 -13.55 31.75
C THR F 74 -8.15 -14.97 31.45
N ILE F 75 -7.83 -15.88 32.36
CA ILE F 75 -8.26 -17.27 32.30
C ILE F 75 -9.17 -17.51 33.49
N SER F 76 -10.44 -17.85 33.20
CA SER F 76 -11.42 -18.02 34.27
C SER F 76 -11.12 -19.24 35.11
N SER F 77 -10.89 -20.39 34.46
CA SER F 77 -10.59 -21.63 35.15
C SER F 77 -9.34 -22.23 34.54
N LEU F 78 -8.24 -22.24 35.30
CA LEU F 78 -6.96 -22.70 34.80
C LEU F 78 -6.97 -24.21 34.69
N GLN F 79 -7.23 -24.73 33.49
CA GLN F 79 -7.18 -26.16 33.25
C GLN F 79 -5.74 -26.64 33.32
N PRO F 80 -5.54 -27.95 33.56
CA PRO F 80 -4.16 -28.48 33.60
C PRO F 80 -3.42 -28.32 32.28
N GLU F 81 -4.14 -28.16 31.16
CA GLU F 81 -3.51 -27.91 29.87
C GLU F 81 -3.25 -26.43 29.62
N ASP F 82 -3.59 -25.56 30.55
CA ASP F 82 -3.39 -24.13 30.40
C ASP F 82 -2.07 -23.65 30.99
N PHE F 83 -1.27 -24.55 31.55
CA PHE F 83 0.02 -24.17 32.14
C PHE F 83 1.05 -24.06 31.03
N ALA F 84 1.38 -22.84 30.65
CA ALA F 84 2.29 -22.59 29.55
C ALA F 84 2.88 -21.19 29.73
N THR F 85 3.54 -20.69 28.69
CA THR F 85 4.09 -19.34 28.67
C THR F 85 3.25 -18.49 27.72
N TYR F 86 2.84 -17.32 28.18
CA TYR F 86 1.95 -16.46 27.42
C TYR F 86 2.69 -15.21 26.97
N TYR F 87 2.63 -14.93 25.68
CA TYR F 87 3.33 -13.80 25.07
C TYR F 87 2.31 -12.82 24.51
N CYS F 88 2.60 -11.53 24.66
CA CYS F 88 1.79 -10.48 24.07
C CYS F 88 2.55 -9.85 22.92
N GLN F 89 1.91 -9.76 21.76
CA GLN F 89 2.48 -9.17 20.57
C GLN F 89 1.76 -7.87 20.25
N GLN F 90 2.52 -6.86 19.84
CA GLN F 90 1.94 -5.67 19.25
C GLN F 90 1.97 -5.81 17.73
N ALA F 91 0.89 -5.38 17.09
CA ALA F 91 0.78 -5.46 15.64
C ALA F 91 0.55 -4.11 14.99
N ASN F 92 0.45 -3.03 15.78
CA ASN F 92 0.13 -1.73 15.21
C ASN F 92 1.27 -1.22 14.32
N SER F 93 2.51 -1.37 14.77
CA SER F 93 3.66 -0.81 14.07
C SER F 93 4.75 -1.86 13.93
N PHE F 94 5.64 -1.63 12.98
CA PHE F 94 6.80 -2.44 12.66
C PHE F 94 8.05 -1.87 13.32
N PRO F 95 8.97 -2.71 13.80
CA PRO F 95 8.89 -4.18 13.76
C PRO F 95 7.93 -4.74 14.79
N LEU F 96 7.31 -5.87 14.47
CA LEU F 96 6.42 -6.53 15.42
C LEU F 96 7.23 -7.08 16.58
N THR F 97 6.84 -6.73 17.80
CA THR F 97 7.57 -7.13 18.99
C THR F 97 6.66 -7.92 19.91
N PHE F 98 7.25 -8.90 20.59
CA PHE F 98 6.54 -9.72 21.55
C PHE F 98 6.82 -9.25 22.98
N GLY F 99 6.04 -9.78 23.90
CA GLY F 99 6.33 -9.57 25.31
C GLY F 99 7.41 -10.50 25.80
N GLY F 100 7.82 -10.30 27.04
CA GLY F 100 8.83 -11.16 27.63
C GLY F 100 8.35 -12.56 27.93
N GLY F 101 7.04 -12.75 28.04
CA GLY F 101 6.50 -14.06 28.33
C GLY F 101 6.18 -14.27 29.80
N THR F 102 4.92 -14.58 30.10
CA THR F 102 4.49 -14.86 31.46
C THR F 102 4.30 -16.37 31.60
N LYS F 103 5.18 -17.01 32.37
CA LYS F 103 5.16 -18.45 32.56
C LYS F 103 4.21 -18.77 33.71
N VAL F 104 3.03 -19.28 33.37
CA VAL F 104 2.05 -19.67 34.38
C VAL F 104 2.47 -21.03 34.94
N GLU F 105 2.84 -21.05 36.22
CA GLU F 105 3.38 -22.23 36.86
C GLU F 105 2.29 -22.91 37.70
N PHE F 106 2.69 -23.93 38.44
CA PHE F 106 1.77 -24.67 39.30
C PHE F 106 1.56 -23.97 40.64
#